data_6YPA
#
_entry.id   6YPA
#
_cell.length_a   77.684
_cell.length_b   100.639
_cell.length_c   134.096
_cell.angle_alpha   90.000
_cell.angle_beta   90.000
_cell.angle_gamma   90.000
#
_symmetry.space_group_name_H-M   'P 21 21 21'
#
loop_
_entity.id
_entity.type
_entity.pdbx_description
1 polymer 'CN hydrolase domain-containing protein'
2 non-polymer pentanediamide
3 non-polymer GLYCEROL
4 water water
#
_entity_poly.entity_id   1
_entity_poly.type   'polypeptide(L)'
_entity_poly.pdbx_seq_one_letter_code
;MGSSHHHHHHSSGLVPRGSHMVKVGYIQMEPKILELDKNYSKAEKLIKEASKEGAKLVVLPELFDTGYNFESREEVFDVA
QQIPEGETTTFLMELARELGLYIVAGTAEKSGNYLYNSAVVVGPRGYIGKYRKIHLFYREKVFFEPGDLGFKVFDIGFAK
VGVMIAFDWFFPESARTLALKGAEIIAHPANLVMPYAPRAMPIRALENRVYTITADRVGEERGLKFIGKSLIASPKAEVL
SIASETEEEIGVVEIDLNLARNKRLNDMNDIFKDRREEYYFR
;
_entity_poly.pdbx_strand_id   A,B,C,D
#
# COMPACT_ATOMS: atom_id res chain seq x y z
N HIS A 20 -2.94 7.10 -19.08
CA HIS A 20 -3.88 7.12 -17.95
C HIS A 20 -3.12 7.08 -16.62
N MET A 21 -1.81 6.85 -16.69
CA MET A 21 -0.93 6.90 -15.52
C MET A 21 -0.35 8.30 -15.36
N VAL A 22 -0.54 8.90 -14.19
CA VAL A 22 -0.02 10.23 -13.96
C VAL A 22 0.50 10.30 -12.53
N LYS A 23 1.57 11.07 -12.34
CA LYS A 23 2.13 11.29 -11.02
C LYS A 23 1.55 12.55 -10.40
N VAL A 24 1.05 12.43 -9.17
CA VAL A 24 0.38 13.51 -8.46
C VAL A 24 0.98 13.56 -7.06
N GLY A 25 0.78 14.70 -6.40
CA GLY A 25 1.35 14.83 -5.08
C GLY A 25 0.75 15.92 -4.23
N TYR A 26 0.96 15.79 -2.92
CA TYR A 26 0.64 16.85 -1.99
C TYR A 26 1.91 17.57 -1.58
N ILE A 27 1.72 18.79 -1.10
CA ILE A 27 2.76 19.61 -0.53
C ILE A 27 2.34 19.87 0.91
N GLN A 28 3.03 19.24 1.86
CA GLN A 28 2.80 19.48 3.27
C GLN A 28 3.81 20.50 3.75
N MET A 29 3.32 21.65 4.18
CA MET A 29 4.19 22.77 4.51
C MET A 29 3.62 23.45 5.74
N GLU A 30 4.43 24.34 6.35
CA GLU A 30 4.00 25.07 7.53
C GLU A 30 3.87 26.54 7.18
N PRO A 31 2.69 27.01 6.81
CA PRO A 31 2.51 28.44 6.58
C PRO A 31 2.83 29.25 7.83
N LYS A 32 3.59 30.32 7.63
CA LYS A 32 3.85 31.31 8.67
C LYS A 32 2.79 32.40 8.56
N ILE A 33 2.00 32.58 9.61
CA ILE A 33 0.79 33.39 9.49
C ILE A 33 1.15 34.83 9.14
N LEU A 34 0.47 35.36 8.13
CA LEU A 34 0.57 36.72 7.60
C LEU A 34 1.84 36.97 6.80
N GLU A 35 2.66 35.96 6.57
CA GLU A 35 3.94 36.13 5.88
C GLU A 35 3.85 35.50 4.50
N LEU A 36 3.08 36.14 3.65
CA LEU A 36 2.85 35.64 2.33
C LEU A 36 4.08 35.31 1.54
N ASP A 37 5.04 36.21 1.54
CA ASP A 37 6.24 35.96 0.78
C ASP A 37 7.03 34.78 1.23
N LYS A 38 7.15 34.60 2.53
CA LYS A 38 7.87 33.48 3.04
C LYS A 38 7.16 32.19 2.66
N ASN A 39 5.86 32.21 2.72
CA ASN A 39 5.03 31.08 2.34
C ASN A 39 5.09 30.78 0.84
N TYR A 40 5.20 31.81 -0.01
CA TYR A 40 5.48 31.56 -1.41
C TYR A 40 6.82 30.84 -1.58
N SER A 41 7.86 31.33 -0.90
CA SER A 41 9.18 30.75 -1.06
C SER A 41 9.21 29.28 -0.62
N LYS A 42 8.49 28.97 0.47
CA LYS A 42 8.45 27.59 0.95
C LYS A 42 7.67 26.70 -0.01
N ALA A 43 6.50 27.15 -0.45
CA ALA A 43 5.73 26.40 -1.44
C ALA A 43 6.53 26.17 -2.71
N GLU A 44 7.25 27.21 -3.18
CA GLU A 44 8.04 27.05 -4.39
C GLU A 44 9.13 26.02 -4.19
N LYS A 45 9.84 26.07 -3.06
CA LYS A 45 10.88 25.08 -2.80
C LYS A 45 10.31 23.66 -2.90
N LEU A 46 9.23 23.41 -2.16
CA LEU A 46 8.68 22.04 -2.10
C LEU A 46 8.08 21.62 -3.44
N ILE A 47 7.40 22.52 -4.15
CA ILE A 47 6.80 22.14 -5.42
C ILE A 47 7.89 21.78 -6.42
N LYS A 48 9.02 22.48 -6.36
CA LYS A 48 10.13 22.12 -7.25
C LYS A 48 10.67 20.73 -6.93
N GLU A 49 10.73 20.38 -5.63
CA GLU A 49 11.09 19.02 -5.24
C GLU A 49 10.10 18.02 -5.81
N ALA A 50 8.80 18.32 -5.69
CA ALA A 50 7.78 17.43 -6.23
C ALA A 50 7.87 17.33 -7.74
N SER A 51 8.16 18.46 -8.40
CA SER A 51 8.36 18.46 -9.84
C SER A 51 9.51 17.55 -10.25
N LYS A 52 10.62 17.60 -9.50
CA LYS A 52 11.75 16.73 -9.80
C LYS A 52 11.42 15.25 -9.60
N GLU A 53 10.41 14.94 -8.81
CA GLU A 53 9.93 13.56 -8.71
C GLU A 53 8.89 13.24 -9.77
N GLY A 54 8.60 14.18 -10.67
CA GLY A 54 7.71 13.91 -11.77
C GLY A 54 6.27 14.30 -11.56
N ALA A 55 5.94 14.98 -10.47
CA ALA A 55 4.55 15.34 -10.21
C ALA A 55 4.02 16.24 -11.32
N LYS A 56 2.88 15.87 -11.88
CA LYS A 56 2.20 16.69 -12.88
C LYS A 56 1.04 17.48 -12.28
N LEU A 57 0.60 17.11 -11.09
CA LEU A 57 -0.40 17.86 -10.34
C LEU A 57 0.03 17.87 -8.88
N VAL A 58 0.07 19.04 -8.27
CA VAL A 58 0.42 19.17 -6.87
C VAL A 58 -0.64 20.00 -6.16
N VAL A 59 -0.87 19.67 -4.89
CA VAL A 59 -1.89 20.31 -4.08
C VAL A 59 -1.20 20.91 -2.88
N LEU A 60 -1.48 22.19 -2.62
CA LEU A 60 -0.99 22.93 -1.47
C LEU A 60 -2.08 23.03 -0.42
N PRO A 61 -1.73 23.25 0.84
CA PRO A 61 -2.73 23.24 1.91
C PRO A 61 -3.68 24.41 1.81
N GLU A 62 -4.75 24.31 2.60
CA GLU A 62 -5.70 25.40 2.77
C GLU A 62 -4.97 26.63 3.28
N LEU A 63 -5.36 27.80 2.77
CA LEU A 63 -4.81 29.09 3.21
C LEU A 63 -3.29 29.04 3.36
N PHE A 64 -2.62 28.49 2.35
CA PHE A 64 -1.18 28.30 2.47
C PHE A 64 -0.45 29.62 2.49
N ASP A 65 -1.03 30.66 1.90
CA ASP A 65 -0.32 31.93 1.79
C ASP A 65 -0.46 32.77 3.06
N THR A 66 -1.66 32.80 3.65
CA THR A 66 -1.96 33.67 4.78
C THR A 66 -1.83 32.99 6.14
N GLY A 67 -1.85 31.65 6.19
CA GLY A 67 -2.03 30.99 7.45
C GLY A 67 -3.49 31.05 7.86
N TYR A 68 -3.78 30.56 9.06
CA TYR A 68 -5.15 30.18 9.38
C TYR A 68 -5.73 30.85 10.62
N ASN A 69 -4.99 30.86 11.73
CA ASN A 69 -5.60 31.14 13.03
C ASN A 69 -5.59 32.65 13.33
N PHE A 70 -6.40 33.37 12.55
CA PHE A 70 -6.44 34.82 12.67
C PHE A 70 -7.09 35.25 13.98
N GLU A 71 -6.64 36.40 14.49
CA GLU A 71 -7.31 36.97 15.65
C GLU A 71 -8.44 37.90 15.26
N SER A 72 -8.33 38.56 14.12
CA SER A 72 -9.34 39.48 13.65
C SER A 72 -9.50 39.34 12.15
N ARG A 73 -10.70 39.68 11.67
CA ARG A 73 -10.92 39.73 10.23
C ARG A 73 -9.98 40.75 9.57
N GLU A 74 -9.65 41.82 10.30
CA GLU A 74 -8.84 42.89 9.73
C GLU A 74 -7.46 42.39 9.32
N GLU A 75 -6.87 41.52 10.13
CA GLU A 75 -5.48 41.13 9.86
C GLU A 75 -5.37 40.20 8.66
N VAL A 76 -6.38 39.38 8.39
CA VAL A 76 -6.36 38.63 7.13
C VAL A 76 -6.84 39.50 5.98
N PHE A 77 -7.84 40.35 6.23
CA PHE A 77 -8.32 41.24 5.18
C PHE A 77 -7.20 42.12 4.66
N ASP A 78 -6.30 42.56 5.53
CA ASP A 78 -5.27 43.49 5.10
C ASP A 78 -4.19 42.83 4.23
N VAL A 79 -4.10 41.50 4.23
CA VAL A 79 -3.09 40.82 3.42
C VAL A 79 -3.68 39.99 2.29
N ALA A 80 -4.96 39.62 2.36
CA ALA A 80 -5.54 38.70 1.40
C ALA A 80 -5.45 39.25 -0.03
N GLN A 81 -5.28 38.34 -0.99
CA GLN A 81 -5.08 38.67 -2.39
C GLN A 81 -6.34 38.39 -3.21
N GLN A 82 -6.48 39.13 -4.30
CA GLN A 82 -7.58 38.89 -5.23
C GLN A 82 -7.22 37.77 -6.20
N ILE A 83 -8.25 37.10 -6.69
CA ILE A 83 -8.10 36.01 -7.65
C ILE A 83 -8.72 36.45 -8.97
N PRO A 84 -8.01 36.35 -10.11
CA PRO A 84 -6.64 35.84 -10.28
C PRO A 84 -5.56 36.92 -10.34
N GLU A 85 -5.95 38.18 -10.19
CA GLU A 85 -4.98 39.27 -10.38
C GLU A 85 -3.96 39.32 -9.25
N GLY A 86 -4.34 38.92 -8.04
CA GLY A 86 -3.48 39.03 -6.87
C GLY A 86 -2.19 38.24 -6.95
N GLU A 87 -1.31 38.40 -5.96
CA GLU A 87 0.03 37.85 -6.13
C GLU A 87 0.13 36.36 -5.80
N THR A 88 -0.78 35.83 -4.98
CA THR A 88 -0.78 34.39 -4.77
C THR A 88 -1.09 33.65 -6.07
N THR A 89 -2.18 34.03 -6.75
CA THR A 89 -2.51 33.39 -8.02
C THR A 89 -1.41 33.61 -9.04
N THR A 90 -0.89 34.84 -9.16
CA THR A 90 0.12 35.09 -10.19
C THR A 90 1.41 34.36 -9.89
N PHE A 91 1.79 34.26 -8.61
CA PHE A 91 2.93 33.43 -8.22
C PHE A 91 2.74 31.98 -8.64
N LEU A 92 1.59 31.40 -8.29
CA LEU A 92 1.34 30.01 -8.70
C LEU A 92 1.29 29.86 -10.21
N MET A 93 0.79 30.87 -10.92
CA MET A 93 0.78 30.81 -12.38
C MET A 93 2.19 30.74 -12.94
N GLU A 94 3.09 31.60 -12.45
CA GLU A 94 4.47 31.59 -12.94
C GLU A 94 5.16 30.27 -12.63
N LEU A 95 4.94 29.75 -11.42
CA LEU A 95 5.56 28.49 -11.04
C LEU A 95 5.02 27.33 -11.87
N ALA A 96 3.70 27.31 -12.13
CA ALA A 96 3.11 26.24 -12.93
C ALA A 96 3.60 26.29 -14.38
N ARG A 97 3.72 27.49 -14.94
CA ARG A 97 4.25 27.64 -16.29
C ARG A 97 5.71 27.22 -16.35
N GLU A 98 6.48 27.57 -15.33
CA GLU A 98 7.90 27.24 -15.32
C GLU A 98 8.12 25.74 -15.25
N LEU A 99 7.36 25.04 -14.41
CA LEU A 99 7.57 23.62 -14.20
C LEU A 99 6.69 22.76 -15.09
N GLY A 100 5.68 23.35 -15.73
CA GLY A 100 4.80 22.59 -16.59
C GLY A 100 3.95 21.59 -15.83
N LEU A 101 3.38 22.02 -14.72
CA LEU A 101 2.50 21.17 -13.95
C LEU A 101 1.27 21.98 -13.54
N TYR A 102 0.34 21.30 -12.87
CA TYR A 102 -0.89 21.89 -12.40
C TYR A 102 -0.85 22.00 -10.88
N ILE A 103 -1.42 23.09 -10.35
CA ILE A 103 -1.39 23.36 -8.92
C ILE A 103 -2.80 23.66 -8.45
N VAL A 104 -3.22 22.99 -7.38
CA VAL A 104 -4.37 23.38 -6.58
C VAL A 104 -3.85 23.85 -5.22
N ALA A 105 -4.26 25.05 -4.80
CA ALA A 105 -3.71 25.68 -3.59
C ALA A 105 -4.79 26.46 -2.85
N GLY A 106 -4.85 26.27 -1.53
CA GLY A 106 -5.72 27.09 -0.70
C GLY A 106 -5.16 28.49 -0.50
N THR A 107 -6.04 29.48 -0.60
CA THR A 107 -5.61 30.86 -0.49
C THR A 107 -6.77 31.70 0.06
N ALA A 108 -6.43 32.69 0.90
CA ALA A 108 -7.43 33.65 1.33
C ALA A 108 -7.79 34.55 0.16
N GLU A 109 -9.05 34.50 -0.27
CA GLU A 109 -9.46 35.28 -1.43
C GLU A 109 -10.01 36.63 -0.99
N LYS A 110 -9.42 37.70 -1.52
CA LYS A 110 -9.99 39.04 -1.41
C LYS A 110 -10.88 39.28 -2.62
N SER A 111 -12.14 39.61 -2.37
CA SER A 111 -13.06 40.03 -3.43
C SER A 111 -13.76 41.28 -2.91
N GLY A 112 -13.29 42.44 -3.35
CA GLY A 112 -13.83 43.69 -2.84
C GLY A 112 -13.64 43.76 -1.34
N ASN A 113 -14.74 43.99 -0.65
CA ASN A 113 -14.80 44.12 0.78
C ASN A 113 -14.95 42.80 1.52
N TYR A 114 -14.98 41.72 0.75
CA TYR A 114 -15.20 40.38 1.30
C TYR A 114 -14.07 39.37 1.16
N LEU A 115 -14.08 38.38 2.04
CA LEU A 115 -13.07 37.33 2.07
C LEU A 115 -13.74 35.98 1.86
N TYR A 116 -13.12 35.13 1.05
CA TYR A 116 -13.53 33.76 0.87
C TYR A 116 -12.38 32.82 1.20
N ASN A 117 -12.70 31.66 1.74
CA ASN A 117 -11.69 30.63 1.98
C ASN A 117 -11.67 29.80 0.71
N SER A 118 -10.68 30.04 -0.13
CA SER A 118 -10.78 29.57 -1.50
C SER A 118 -9.60 28.70 -1.89
N ALA A 119 -9.71 28.13 -3.07
CA ALA A 119 -8.62 27.39 -3.68
C ALA A 119 -8.56 27.84 -5.12
N VAL A 120 -7.35 28.03 -5.63
CA VAL A 120 -7.16 28.34 -7.03
C VAL A 120 -6.55 27.14 -7.72
N VAL A 121 -6.90 26.97 -8.98
CA VAL A 121 -6.38 25.95 -9.85
C VAL A 121 -5.65 26.65 -10.98
N VAL A 122 -4.39 26.29 -11.20
CA VAL A 122 -3.58 26.89 -12.25
C VAL A 122 -2.81 25.80 -12.98
N GLY A 123 -2.51 26.06 -14.24
CA GLY A 123 -1.78 25.13 -15.06
C GLY A 123 -0.71 25.81 -15.88
N PRO A 124 -0.01 25.04 -16.71
CA PRO A 124 1.09 25.61 -17.51
C PRO A 124 0.68 26.75 -18.42
N ARG A 125 -0.61 26.95 -18.65
CA ARG A 125 -1.08 28.01 -19.53
C ARG A 125 -1.84 29.10 -18.77
N GLY A 126 -1.85 29.04 -17.46
CA GLY A 126 -2.35 30.16 -16.70
C GLY A 126 -3.43 29.73 -15.73
N TYR A 127 -4.18 30.73 -15.29
CA TYR A 127 -5.31 30.53 -14.41
C TYR A 127 -6.30 29.57 -15.06
N ILE A 128 -6.91 28.72 -14.24
CA ILE A 128 -7.95 27.80 -14.68
C ILE A 128 -9.27 28.08 -13.99
N GLY A 129 -9.24 28.29 -12.68
CA GLY A 129 -10.46 28.62 -11.97
C GLY A 129 -10.26 28.53 -10.47
N LYS A 130 -11.34 28.77 -9.74
CA LYS A 130 -11.30 28.81 -8.28
C LYS A 130 -12.49 28.09 -7.69
N TYR A 131 -12.32 27.66 -6.44
CA TYR A 131 -13.38 27.09 -5.62
C TYR A 131 -13.40 27.84 -4.30
N ARG A 132 -14.59 28.06 -3.75
CA ARG A 132 -14.76 28.75 -2.48
C ARG A 132 -15.36 27.78 -1.48
N LYS A 133 -14.67 27.60 -0.35
CA LYS A 133 -15.06 26.63 0.66
C LYS A 133 -16.53 26.79 1.03
N ILE A 134 -17.30 25.73 0.79
CA ILE A 134 -18.74 25.80 1.00
C ILE A 134 -19.09 25.64 2.48
N HIS A 135 -18.39 24.75 3.17
CA HIS A 135 -18.64 24.47 4.59
C HIS A 135 -17.54 25.11 5.42
N LEU A 136 -17.85 26.28 6.00
CA LEU A 136 -16.89 26.95 6.86
C LEU A 136 -16.81 26.26 8.21
N PHE A 137 -15.60 26.18 8.76
CA PHE A 137 -15.35 25.51 10.03
C PHE A 137 -15.07 26.53 11.13
N TYR A 138 -15.82 26.43 12.22
CA TYR A 138 -15.56 27.15 13.47
C TYR A 138 -15.34 28.65 13.23
N ARG A 139 -14.18 29.17 13.61
CA ARG A 139 -13.98 30.62 13.57
C ARG A 139 -13.82 31.14 12.14
N GLU A 140 -13.73 30.27 11.13
CA GLU A 140 -13.70 30.76 9.76
C GLU A 140 -14.93 31.61 9.46
N LYS A 141 -16.07 31.28 10.07
CA LYS A 141 -17.29 32.07 9.89
C LYS A 141 -17.14 33.50 10.37
N VAL A 142 -16.18 33.80 11.25
CA VAL A 142 -15.92 35.17 11.66
C VAL A 142 -15.29 35.96 10.53
N PHE A 143 -14.49 35.31 9.69
CA PHE A 143 -13.64 35.99 8.72
C PHE A 143 -14.14 35.89 7.29
N PHE A 144 -14.67 34.74 6.92
CA PHE A 144 -14.92 34.41 5.53
C PHE A 144 -16.42 34.37 5.25
N GLU A 145 -16.76 34.66 4.00
CA GLU A 145 -18.10 34.44 3.49
C GLU A 145 -18.24 32.98 3.07
N PRO A 146 -19.41 32.37 3.27
CA PRO A 146 -19.60 30.99 2.80
C PRO A 146 -19.43 30.91 1.29
N GLY A 147 -18.84 29.81 0.84
CA GLY A 147 -18.62 29.64 -0.58
C GLY A 147 -19.94 29.67 -1.33
N ASP A 148 -19.88 30.15 -2.58
CA ASP A 148 -21.09 30.37 -3.36
C ASP A 148 -20.95 29.96 -4.82
N LEU A 149 -19.87 29.28 -5.20
CA LEU A 149 -19.67 28.80 -6.55
C LEU A 149 -20.01 27.33 -6.72
N GLY A 150 -20.47 26.66 -5.67
CA GLY A 150 -20.73 25.24 -5.74
C GLY A 150 -19.45 24.42 -5.85
N PHE A 151 -19.63 23.12 -6.04
CA PHE A 151 -18.51 22.18 -6.16
C PHE A 151 -18.16 22.02 -7.63
N LYS A 152 -16.98 22.50 -8.01
CA LYS A 152 -16.57 22.57 -9.39
C LYS A 152 -15.52 21.51 -9.70
N VAL A 153 -15.54 21.01 -10.93
CA VAL A 153 -14.54 20.08 -11.44
C VAL A 153 -13.83 20.76 -12.60
N PHE A 154 -12.50 20.66 -12.61
CA PHE A 154 -11.65 21.39 -13.55
C PHE A 154 -10.93 20.41 -14.47
N ASP A 155 -10.89 20.76 -15.76
CA ASP A 155 -10.21 19.94 -16.76
C ASP A 155 -8.75 20.37 -16.82
N ILE A 156 -7.85 19.45 -16.49
CA ILE A 156 -6.42 19.74 -16.57
C ILE A 156 -5.80 18.85 -17.63
N GLY A 157 -6.59 18.47 -18.63
CA GLY A 157 -6.06 17.74 -19.75
C GLY A 157 -6.03 16.24 -19.52
N PHE A 158 -5.15 15.78 -18.63
CA PHE A 158 -5.01 14.36 -18.37
C PHE A 158 -5.99 13.84 -17.33
N ALA A 159 -6.76 14.71 -16.69
CA ALA A 159 -7.69 14.29 -15.66
C ALA A 159 -8.70 15.40 -15.40
N LYS A 160 -9.81 15.04 -14.80
CA LYS A 160 -10.75 15.99 -14.23
C LYS A 160 -10.53 16.01 -12.71
N VAL A 161 -10.23 17.19 -12.18
CA VAL A 161 -9.90 17.36 -10.77
C VAL A 161 -11.03 18.14 -10.10
N GLY A 162 -11.67 17.53 -9.13
CA GLY A 162 -12.56 18.27 -8.27
C GLY A 162 -11.78 18.88 -7.14
N VAL A 163 -12.36 19.89 -6.50
CA VAL A 163 -11.69 20.60 -5.42
C VAL A 163 -12.65 20.79 -4.26
N MET A 164 -12.20 20.46 -3.06
CA MET A 164 -12.89 20.82 -1.84
C MET A 164 -11.82 21.19 -0.84
N ILE A 165 -12.24 21.87 0.22
CA ILE A 165 -11.29 22.43 1.19
C ILE A 165 -11.65 21.90 2.56
N ALA A 166 -10.65 21.29 3.23
CA ALA A 166 -10.69 20.89 4.62
C ALA A 166 -12.06 20.35 5.04
N PHE A 167 -12.77 21.10 5.89
CA PHE A 167 -14.04 20.67 6.50
C PHE A 167 -15.06 20.16 5.49
N ASP A 168 -14.91 20.50 4.22
CA ASP A 168 -15.78 19.93 3.19
C ASP A 168 -15.80 18.41 3.26
N TRP A 169 -14.70 17.79 3.69
CA TRP A 169 -14.62 16.33 3.80
C TRP A 169 -15.70 15.77 4.72
N PHE A 170 -16.09 16.52 5.75
CA PHE A 170 -16.98 16.02 6.77
C PHE A 170 -18.35 15.70 6.20
N PHE A 171 -18.74 16.37 5.13
CA PHE A 171 -20.03 16.17 4.52
C PHE A 171 -19.85 15.27 3.32
N PRO A 172 -20.33 14.03 3.34
CA PRO A 172 -20.12 13.14 2.19
C PRO A 172 -20.62 13.73 0.89
N GLU A 173 -21.57 14.67 0.96
CA GLU A 173 -22.11 15.31 -0.24
C GLU A 173 -21.05 16.07 -1.02
N SER A 174 -19.99 16.57 -0.36
CA SER A 174 -18.96 17.32 -1.09
C SER A 174 -18.21 16.43 -2.07
N ALA A 175 -17.62 15.34 -1.58
CA ALA A 175 -16.90 14.44 -2.48
C ALA A 175 -17.87 13.82 -3.49
N ARG A 176 -19.06 13.45 -3.03
CA ARG A 176 -20.05 12.83 -3.90
C ARG A 176 -20.41 13.75 -5.06
N THR A 177 -20.63 15.04 -4.77
CA THR A 177 -21.04 15.96 -5.82
C THR A 177 -19.92 16.11 -6.85
N LEU A 178 -18.68 16.29 -6.38
CA LEU A 178 -17.55 16.35 -7.31
C LEU A 178 -17.43 15.07 -8.14
N ALA A 179 -17.60 13.92 -7.50
CA ALA A 179 -17.42 12.65 -8.20
C ALA A 179 -18.51 12.45 -9.26
N LEU A 180 -19.75 12.83 -8.93
CA LEU A 180 -20.84 12.72 -9.89
C LEU A 180 -20.65 13.69 -11.05
N LYS A 181 -19.97 14.81 -10.82
CA LYS A 181 -19.61 15.72 -11.90
C LYS A 181 -18.40 15.26 -12.67
N GLY A 182 -17.88 14.08 -12.39
CA GLY A 182 -16.83 13.51 -13.20
C GLY A 182 -15.44 13.64 -12.63
N ALA A 183 -15.30 14.21 -11.43
CA ALA A 183 -13.98 14.33 -10.82
C ALA A 183 -13.35 12.94 -10.69
N GLU A 184 -12.11 12.83 -11.18
CA GLU A 184 -11.34 11.61 -11.03
C GLU A 184 -10.33 11.71 -9.91
N ILE A 185 -9.83 12.92 -9.66
CA ILE A 185 -9.03 13.25 -8.50
C ILE A 185 -9.77 14.34 -7.76
N ILE A 186 -9.83 14.22 -6.44
CA ILE A 186 -10.31 15.30 -5.57
C ILE A 186 -9.09 15.90 -4.92
N ALA A 187 -8.75 17.13 -5.32
CA ALA A 187 -7.71 17.89 -4.65
C ALA A 187 -8.31 18.54 -3.41
N HIS A 188 -7.63 18.40 -2.27
CA HIS A 188 -8.20 18.69 -0.96
C HIS A 188 -7.21 19.48 -0.13
N PRO A 189 -7.03 20.77 -0.41
CA PRO A 189 -6.26 21.62 0.52
C PRO A 189 -6.91 21.63 1.88
N ALA A 190 -6.09 21.49 2.92
CA ALA A 190 -6.62 21.33 4.26
C ALA A 190 -5.70 21.93 5.29
N ASN A 191 -6.31 22.51 6.32
CA ASN A 191 -5.66 22.84 7.59
C ASN A 191 -6.40 22.06 8.67
N LEU A 192 -6.09 20.76 8.81
CA LEU A 192 -6.84 19.88 9.68
C LEU A 192 -6.48 20.07 11.14
N VAL A 193 -7.48 20.18 12.01
CA VAL A 193 -7.26 20.29 13.45
C VAL A 193 -7.92 19.13 14.18
N MET A 194 -9.01 18.59 13.61
CA MET A 194 -9.65 17.42 14.17
C MET A 194 -8.82 16.20 13.82
N PRO A 195 -8.98 15.10 14.56
CA PRO A 195 -8.17 13.91 14.28
C PRO A 195 -8.70 13.03 13.15
N TYR A 196 -9.90 13.32 12.61
CA TYR A 196 -10.64 12.33 11.84
C TYR A 196 -10.28 12.21 10.37
N ALA A 197 -9.88 13.30 9.71
CA ALA A 197 -9.81 13.24 8.24
C ALA A 197 -8.90 12.15 7.70
N PRO A 198 -7.72 11.87 8.26
CA PRO A 198 -6.91 10.79 7.69
C PRO A 198 -7.64 9.45 7.66
N ARG A 199 -8.50 9.17 8.63
CA ARG A 199 -9.29 7.93 8.61
C ARG A 199 -10.44 8.00 7.62
N ALA A 200 -10.96 9.19 7.36
CA ALA A 200 -12.16 9.34 6.54
C ALA A 200 -11.85 9.42 5.05
N MET A 201 -10.72 10.04 4.69
CA MET A 201 -10.47 10.28 3.27
C MET A 201 -10.34 9.01 2.45
N PRO A 202 -9.76 7.90 2.93
CA PRO A 202 -9.83 6.66 2.14
C PRO A 202 -11.24 6.20 1.90
N ILE A 203 -12.16 6.45 2.84
CA ILE A 203 -13.56 6.10 2.62
C ILE A 203 -14.17 7.01 1.57
N ARG A 204 -13.87 8.31 1.65
CA ARG A 204 -14.31 9.25 0.61
C ARG A 204 -13.81 8.81 -0.75
N ALA A 205 -12.55 8.37 -0.83
CA ALA A 205 -12.01 7.89 -2.09
C ALA A 205 -12.73 6.61 -2.53
N LEU A 206 -12.90 5.67 -1.60
CA LEU A 206 -13.51 4.38 -1.92
C LEU A 206 -14.96 4.54 -2.34
N GLU A 207 -15.74 5.35 -1.62
CA GLU A 207 -17.18 5.38 -1.88
C GLU A 207 -17.49 6.04 -3.22
N ASN A 208 -16.62 6.94 -3.65
CA ASN A 208 -16.74 7.61 -4.94
C ASN A 208 -15.88 6.96 -6.02
N ARG A 209 -15.05 5.97 -5.67
CA ARG A 209 -14.06 5.39 -6.58
C ARG A 209 -13.26 6.47 -7.29
N VAL A 210 -12.64 7.35 -6.49
CA VAL A 210 -11.79 8.42 -6.98
C VAL A 210 -10.50 8.39 -6.19
N TYR A 211 -9.49 9.10 -6.70
CA TYR A 211 -8.30 9.41 -5.91
C TYR A 211 -8.52 10.70 -5.13
N THR A 212 -7.99 10.76 -3.91
CA THR A 212 -8.05 11.99 -3.12
C THR A 212 -6.64 12.38 -2.72
N ILE A 213 -6.34 13.67 -2.81
CA ILE A 213 -5.07 14.22 -2.42
C ILE A 213 -5.38 15.26 -1.36
N THR A 214 -5.13 14.92 -0.10
CA THR A 214 -5.34 15.84 1.01
C THR A 214 -3.98 16.44 1.37
N ALA A 215 -3.82 17.73 1.10
CA ALA A 215 -2.58 18.43 1.40
C ALA A 215 -2.85 19.21 2.69
N ASP A 216 -2.35 18.69 3.80
CA ASP A 216 -2.50 19.36 5.08
C ASP A 216 -1.29 20.24 5.34
N ARG A 217 -1.49 21.20 6.22
CA ARG A 217 -0.35 21.90 6.79
C ARG A 217 0.11 21.18 8.06
N VAL A 218 1.23 21.65 8.60
CA VAL A 218 1.71 21.20 9.90
C VAL A 218 1.91 22.44 10.75
N GLY A 219 2.26 22.20 12.01
CA GLY A 219 2.74 23.24 12.88
C GLY A 219 1.71 23.65 13.92
N GLU A 220 2.17 24.51 14.82
CA GLU A 220 1.33 25.15 15.81
C GLU A 220 1.27 26.64 15.49
N GLU A 221 0.06 27.20 15.55
CA GLU A 221 -0.15 28.58 15.12
C GLU A 221 -1.02 29.28 16.15
N ARG A 222 -0.41 30.17 16.96
CA ARG A 222 -1.12 30.85 18.02
C ARG A 222 -1.92 29.86 18.87
N GLY A 223 -1.29 28.73 19.16
CA GLY A 223 -1.85 27.76 20.06
C GLY A 223 -2.71 26.72 19.39
N LEU A 224 -2.88 26.79 18.08
CA LEU A 224 -3.72 25.85 17.34
C LEU A 224 -2.83 24.87 16.60
N LYS A 225 -3.00 23.58 16.89
CA LYS A 225 -2.15 22.55 16.33
C LYS A 225 -2.83 21.93 15.11
N PHE A 226 -2.10 21.85 14.02
CA PHE A 226 -2.56 21.15 12.83
C PHE A 226 -1.93 19.76 12.82
N ILE A 227 -2.57 18.81 12.15
CA ILE A 227 -2.24 17.42 12.41
C ILE A 227 -1.33 16.82 11.36
N GLY A 228 -0.97 17.58 10.32
CA GLY A 228 -0.18 17.01 9.26
C GLY A 228 -0.92 15.84 8.62
N LYS A 229 -0.20 14.76 8.39
CA LYS A 229 -0.78 13.52 7.86
C LYS A 229 -1.50 13.76 6.53
N SER A 230 -0.93 14.62 5.69
CA SER A 230 -1.32 14.66 4.29
C SER A 230 -1.31 13.25 3.74
N LEU A 231 -2.25 12.96 2.85
CA LEU A 231 -2.32 11.59 2.37
C LEU A 231 -3.03 11.55 1.03
N ILE A 232 -2.67 10.54 0.26
CA ILE A 232 -3.29 10.25 -1.03
C ILE A 232 -3.95 8.89 -0.89
N ALA A 233 -5.23 8.82 -1.25
CA ALA A 233 -6.00 7.59 -1.13
C ALA A 233 -6.51 7.19 -2.50
N SER A 234 -6.62 5.88 -2.70
CA SER A 234 -7.03 5.29 -3.97
C SER A 234 -8.52 4.98 -3.99
N PRO A 235 -9.10 4.77 -5.19
CA PRO A 235 -10.48 4.29 -5.28
C PRO A 235 -10.75 2.99 -4.53
N LYS A 236 -9.69 2.31 -4.09
CA LYS A 236 -9.81 1.10 -3.28
C LYS A 236 -9.51 1.36 -1.80
N ALA A 237 -9.61 2.61 -1.36
CA ALA A 237 -9.33 3.02 0.01
C ALA A 237 -7.89 2.74 0.44
N GLU A 238 -6.98 2.52 -0.51
CA GLU A 238 -5.57 2.31 -0.18
C GLU A 238 -4.91 3.64 0.13
N VAL A 239 -4.26 3.73 1.27
CA VAL A 239 -3.44 4.90 1.58
C VAL A 239 -2.14 4.76 0.79
N LEU A 240 -2.04 5.50 -0.31
CA LEU A 240 -0.90 5.40 -1.21
C LEU A 240 0.33 6.16 -0.71
N SER A 241 0.13 7.14 0.16
CA SER A 241 1.21 7.93 0.74
C SER A 241 0.61 8.70 1.89
N ILE A 242 1.33 8.78 3.00
CA ILE A 242 0.86 9.55 4.13
C ILE A 242 2.05 10.28 4.73
N ALA A 243 1.84 11.54 5.06
CA ALA A 243 2.93 12.37 5.54
C ALA A 243 3.05 12.29 7.05
N SER A 244 4.13 12.86 7.56
CA SER A 244 4.37 12.97 8.98
C SER A 244 3.34 13.90 9.64
N GLU A 245 3.34 13.86 10.97
CA GLU A 245 2.46 14.74 11.73
C GLU A 245 2.97 16.18 11.81
N THR A 246 4.28 16.40 11.76
CA THR A 246 4.82 17.71 12.09
C THR A 246 5.80 18.28 11.08
N GLU A 247 6.30 17.51 10.12
CA GLU A 247 7.37 17.97 9.26
C GLU A 247 6.87 18.35 7.86
N GLU A 248 7.53 19.33 7.28
CA GLU A 248 7.26 19.70 5.90
C GLU A 248 7.82 18.64 4.98
N GLU A 249 7.03 18.22 4.00
CA GLU A 249 7.44 17.16 3.09
C GLU A 249 6.49 17.15 1.90
N ILE A 250 6.92 16.46 0.86
CA ILE A 250 6.06 16.16 -0.27
C ILE A 250 5.74 14.68 -0.25
N GLY A 251 4.71 14.32 -1.01
CA GLY A 251 4.39 12.94 -1.30
C GLY A 251 3.93 12.86 -2.73
N VAL A 252 4.63 12.11 -3.57
CA VAL A 252 4.30 11.98 -4.98
C VAL A 252 4.11 10.50 -5.29
N VAL A 253 3.01 10.17 -5.95
CA VAL A 253 2.71 8.78 -6.29
C VAL A 253 2.16 8.73 -7.71
N GLU A 254 2.39 7.61 -8.38
CA GLU A 254 1.85 7.41 -9.72
C GLU A 254 0.49 6.74 -9.58
N ILE A 255 -0.54 7.37 -10.12
CA ILE A 255 -1.90 6.87 -9.99
C ILE A 255 -2.38 6.41 -11.35
N ASP A 256 -3.31 5.46 -11.34
CA ASP A 256 -3.94 4.93 -12.55
C ASP A 256 -5.33 5.53 -12.62
N LEU A 257 -5.53 6.48 -13.53
CA LEU A 257 -6.83 7.14 -13.62
C LEU A 257 -7.94 6.22 -14.11
N ASN A 258 -7.60 5.12 -14.78
CA ASN A 258 -8.62 4.13 -15.13
C ASN A 258 -9.32 3.62 -13.89
N LEU A 259 -8.59 3.52 -12.78
CA LEU A 259 -9.18 3.02 -11.54
C LEU A 259 -10.22 3.98 -10.97
N ALA A 260 -10.22 5.23 -11.41
CA ALA A 260 -11.25 6.18 -11.00
C ALA A 260 -12.31 6.41 -12.07
N ARG A 261 -11.98 6.18 -13.34
CA ARG A 261 -12.96 6.36 -14.39
C ARG A 261 -13.90 5.16 -14.43
N ASN A 262 -13.37 3.98 -14.17
CA ASN A 262 -14.16 2.75 -14.17
C ASN A 262 -14.74 2.59 -12.76
N LYS A 263 -16.06 2.76 -12.62
CA LYS A 263 -16.70 2.71 -11.31
C LYS A 263 -17.13 1.29 -10.94
N ARG A 264 -16.61 0.28 -11.64
CA ARG A 264 -17.00 -1.08 -11.35
C ARG A 264 -16.33 -1.58 -10.09
N LEU A 265 -17.10 -2.25 -9.25
CA LEU A 265 -16.58 -2.91 -8.07
C LEU A 265 -16.35 -4.39 -8.31
N ASN A 266 -17.25 -5.00 -9.07
CA ASN A 266 -17.16 -6.38 -9.52
C ASN A 266 -18.04 -6.47 -10.75
N ASP A 267 -18.10 -7.66 -11.35
CA ASP A 267 -18.83 -7.84 -12.61
C ASP A 267 -20.32 -7.55 -12.47
N MET A 268 -20.84 -7.42 -11.25
CA MET A 268 -22.26 -7.20 -11.05
C MET A 268 -22.58 -5.93 -10.29
N ASN A 269 -21.58 -5.10 -9.97
CA ASN A 269 -21.80 -3.87 -9.23
C ASN A 269 -20.98 -2.78 -9.87
N ASP A 270 -21.63 -1.76 -10.42
CA ASP A 270 -20.99 -0.52 -10.82
C ASP A 270 -21.50 0.55 -9.87
N ILE A 271 -20.59 1.18 -9.12
CA ILE A 271 -21.01 1.98 -7.97
C ILE A 271 -21.98 3.07 -8.39
N PHE A 272 -21.70 3.76 -9.49
CA PHE A 272 -22.55 4.87 -9.89
C PHE A 272 -23.85 4.38 -10.53
N LYS A 273 -23.78 3.32 -11.33
CA LYS A 273 -25.00 2.72 -11.86
C LYS A 273 -25.87 2.12 -10.76
N ASP A 274 -25.28 1.77 -9.62
CA ASP A 274 -26.01 1.17 -8.51
C ASP A 274 -26.65 2.19 -7.58
N ARG A 275 -26.30 3.46 -7.70
CA ARG A 275 -26.97 4.48 -6.91
C ARG A 275 -28.45 4.54 -7.28
N ARG A 276 -29.30 4.77 -6.28
CA ARG A 276 -30.75 4.77 -6.48
C ARG A 276 -31.30 6.05 -5.87
N GLU A 277 -31.17 7.14 -6.64
CA GLU A 277 -31.49 8.49 -6.15
C GLU A 277 -32.91 8.62 -5.65
N GLU A 278 -33.83 7.78 -6.12
CA GLU A 278 -35.22 7.92 -5.69
C GLU A 278 -35.39 7.64 -4.20
N TYR A 279 -34.46 6.91 -3.59
CA TYR A 279 -34.56 6.56 -2.18
C TYR A 279 -33.67 7.42 -1.30
N TYR A 280 -33.01 8.44 -1.86
CA TYR A 280 -32.10 9.26 -1.09
C TYR A 280 -32.77 10.57 -0.70
N PHE A 281 -32.53 11.00 0.55
CA PHE A 281 -32.96 12.30 1.04
C PHE A 281 -34.47 12.49 0.95
N ARG A 282 -35.20 11.38 0.96
CA ARG A 282 -36.66 11.40 0.90
C ARG A 282 -37.21 10.05 1.33
N LEU B 14 -26.44 9.01 47.02
CA LEU B 14 -27.53 8.84 46.07
C LEU B 14 -27.58 10.06 45.14
N VAL B 15 -27.11 9.87 43.91
CA VAL B 15 -26.91 10.99 42.98
C VAL B 15 -27.44 10.61 41.62
N PRO B 16 -27.86 11.61 40.84
CA PRO B 16 -28.23 11.34 39.46
C PRO B 16 -27.00 11.02 38.62
N ARG B 17 -27.27 10.38 37.48
CA ARG B 17 -26.28 10.16 36.44
C ARG B 17 -26.57 10.99 35.19
N GLY B 18 -27.80 11.42 35.00
CA GLY B 18 -28.14 12.18 33.82
C GLY B 18 -28.12 11.31 32.56
N SER B 19 -28.25 12.02 31.43
CA SER B 19 -28.15 11.47 30.08
C SER B 19 -29.36 10.60 29.74
N HIS B 20 -29.48 10.21 28.48
CA HIS B 20 -30.51 9.27 28.04
C HIS B 20 -29.78 8.01 27.59
N MET B 21 -29.62 7.09 28.52
CA MET B 21 -28.82 5.89 28.32
C MET B 21 -29.66 4.75 27.81
N VAL B 22 -29.07 3.93 26.97
CA VAL B 22 -29.67 2.65 26.61
C VAL B 22 -28.54 1.70 26.25
N LYS B 23 -28.71 0.42 26.60
CA LYS B 23 -27.75 -0.59 26.22
C LYS B 23 -28.18 -1.21 24.90
N VAL B 24 -27.29 -1.20 23.93
CA VAL B 24 -27.56 -1.76 22.60
C VAL B 24 -26.50 -2.80 22.28
N GLY B 25 -26.79 -3.66 21.31
CA GLY B 25 -25.83 -4.72 21.06
C GLY B 25 -25.94 -5.30 19.68
N TYR B 26 -24.83 -5.85 19.20
CA TYR B 26 -24.85 -6.69 18.03
C TYR B 26 -24.80 -8.15 18.46
N ILE B 27 -25.38 -9.01 17.62
CA ILE B 27 -25.31 -10.46 17.76
C ILE B 27 -24.52 -10.98 16.57
N GLN B 28 -23.29 -11.44 16.82
CA GLN B 28 -22.43 -12.00 15.79
C GLN B 28 -22.55 -13.51 15.84
N MET B 29 -23.21 -14.10 14.83
CA MET B 29 -23.45 -15.53 14.80
C MET B 29 -23.07 -16.07 13.44
N GLU B 30 -23.08 -17.40 13.35
CA GLU B 30 -22.73 -18.14 12.14
C GLU B 30 -23.96 -18.90 11.64
N PRO B 31 -24.81 -18.27 10.85
CA PRO B 31 -25.98 -18.98 10.34
C PRO B 31 -25.57 -20.22 9.56
N LYS B 32 -26.35 -21.28 9.72
CA LYS B 32 -26.24 -22.48 8.91
C LYS B 32 -27.20 -22.35 7.73
N ILE B 33 -26.67 -22.40 6.50
CA ILE B 33 -27.49 -22.06 5.35
C ILE B 33 -28.69 -23.01 5.25
N LEU B 34 -29.87 -22.44 5.02
CA LEU B 34 -31.15 -23.11 4.85
C LEU B 34 -31.68 -23.79 6.12
N GLU B 35 -31.00 -23.69 7.26
CA GLU B 35 -31.39 -24.41 8.47
C GLU B 35 -32.01 -23.42 9.44
N LEU B 36 -33.24 -23.00 9.12
CA LEU B 36 -33.82 -21.84 9.78
C LEU B 36 -34.02 -22.08 11.27
N ASP B 37 -34.45 -23.28 11.65
CA ASP B 37 -34.76 -23.48 13.07
C ASP B 37 -33.49 -23.53 13.91
N LYS B 38 -32.42 -24.15 13.40
CA LYS B 38 -31.15 -24.11 14.10
C LYS B 38 -30.66 -22.67 14.25
N ASN B 39 -30.89 -21.84 13.23
CA ASN B 39 -30.48 -20.45 13.30
C ASN B 39 -31.36 -19.66 14.28
N TYR B 40 -32.64 -19.99 14.40
CA TYR B 40 -33.44 -19.40 15.47
C TYR B 40 -32.86 -19.75 16.83
N SER B 41 -32.48 -21.02 17.02
CA SER B 41 -31.97 -21.43 18.33
C SER B 41 -30.69 -20.69 18.69
N LYS B 42 -29.77 -20.57 17.74
CA LYS B 42 -28.54 -19.83 17.98
C LYS B 42 -28.82 -18.37 18.26
N ALA B 43 -29.72 -17.76 17.49
CA ALA B 43 -30.06 -16.36 17.72
C ALA B 43 -30.69 -16.18 19.09
N GLU B 44 -31.57 -17.09 19.50
CA GLU B 44 -32.16 -17.02 20.84
C GLU B 44 -31.09 -17.13 21.91
N LYS B 45 -30.19 -18.10 21.78
CA LYS B 45 -29.14 -18.27 22.77
C LYS B 45 -28.34 -17.00 22.96
N LEU B 46 -27.88 -16.40 21.87
CA LEU B 46 -27.04 -15.20 21.98
C LEU B 46 -27.85 -13.99 22.38
N ILE B 47 -29.10 -13.87 21.91
CA ILE B 47 -29.91 -12.72 22.31
C ILE B 47 -30.24 -12.79 23.79
N LYS B 48 -30.45 -13.99 24.33
CA LYS B 48 -30.63 -14.11 25.77
C LYS B 48 -29.38 -13.69 26.53
N GLU B 49 -28.19 -14.03 26.01
CA GLU B 49 -26.96 -13.53 26.63
C GLU B 49 -26.91 -12.02 26.63
N ALA B 50 -27.27 -11.40 25.49
CA ALA B 50 -27.29 -9.94 25.41
C ALA B 50 -28.32 -9.36 26.37
N SER B 51 -29.49 -9.97 26.48
CA SER B 51 -30.52 -9.45 27.37
C SER B 51 -30.06 -9.51 28.83
N LYS B 52 -29.35 -10.57 29.20
CA LYS B 52 -28.81 -10.66 30.55
C LYS B 52 -27.71 -9.65 30.81
N GLU B 53 -27.10 -9.10 29.77
CA GLU B 53 -26.20 -7.96 29.91
C GLU B 53 -26.94 -6.63 29.88
N GLY B 54 -28.27 -6.67 29.83
CA GLY B 54 -29.07 -5.47 29.87
C GLY B 54 -29.39 -4.85 28.53
N ALA B 55 -29.04 -5.51 27.42
CA ALA B 55 -29.32 -4.91 26.12
C ALA B 55 -30.82 -4.73 25.94
N LYS B 56 -31.21 -3.56 25.45
CA LYS B 56 -32.60 -3.28 25.12
C LYS B 56 -32.86 -3.25 23.63
N LEU B 57 -31.82 -3.10 22.82
CA LEU B 57 -31.89 -3.23 21.36
C LEU B 57 -30.78 -4.15 20.93
N VAL B 58 -31.12 -5.18 20.13
CA VAL B 58 -30.10 -6.07 19.58
C VAL B 58 -30.30 -6.17 18.08
N VAL B 59 -29.20 -6.32 17.37
CA VAL B 59 -29.19 -6.45 15.92
C VAL B 59 -28.60 -7.80 15.56
N LEU B 60 -29.31 -8.55 14.73
CA LEU B 60 -28.88 -9.81 14.14
C LEU B 60 -28.32 -9.57 12.75
N PRO B 61 -27.44 -10.45 12.26
CA PRO B 61 -26.88 -10.25 10.92
C PRO B 61 -27.92 -10.29 9.82
N GLU B 62 -27.48 -9.82 8.66
CA GLU B 62 -28.20 -10.02 7.41
C GLU B 62 -28.51 -11.50 7.18
N LEU B 63 -29.72 -11.76 6.67
CA LEU B 63 -30.15 -13.12 6.32
C LEU B 63 -29.74 -14.12 7.40
N PHE B 64 -30.03 -13.79 8.65
CA PHE B 64 -29.58 -14.63 9.75
C PHE B 64 -30.30 -15.97 9.73
N ASP B 65 -31.51 -16.01 9.17
CA ASP B 65 -32.28 -17.23 9.21
C ASP B 65 -31.90 -18.18 8.08
N THR B 66 -31.73 -17.65 6.86
CA THR B 66 -31.48 -18.49 5.70
C THR B 66 -30.02 -18.75 5.41
N GLY B 67 -29.11 -17.90 5.87
CA GLY B 67 -27.77 -17.92 5.31
C GLY B 67 -27.73 -17.08 4.05
N TYR B 68 -26.58 -17.11 3.38
CA TYR B 68 -26.26 -16.12 2.35
C TYR B 68 -25.94 -16.71 0.98
N ASN B 69 -25.00 -17.65 0.93
CA ASN B 69 -24.37 -18.03 -0.34
C ASN B 69 -25.16 -19.15 -1.04
N PHE B 70 -26.27 -18.75 -1.64
CA PHE B 70 -27.17 -19.73 -2.24
C PHE B 70 -26.65 -20.16 -3.62
N GLU B 71 -26.91 -21.42 -3.96
CA GLU B 71 -26.59 -21.90 -5.31
C GLU B 71 -27.68 -21.55 -6.32
N SER B 72 -28.91 -21.39 -5.85
CA SER B 72 -30.02 -21.10 -6.75
C SER B 72 -31.11 -20.37 -5.98
N ARG B 73 -31.94 -19.65 -6.74
CA ARG B 73 -33.05 -18.91 -6.14
C ARG B 73 -34.11 -19.86 -5.58
N GLU B 74 -34.30 -21.02 -6.21
CA GLU B 74 -35.23 -22.00 -5.66
C GLU B 74 -34.81 -22.44 -4.27
N GLU B 75 -33.49 -22.54 -4.04
CA GLU B 75 -32.98 -22.96 -2.75
C GLU B 75 -33.49 -22.06 -1.63
N VAL B 76 -33.37 -20.75 -1.80
CA VAL B 76 -33.80 -19.84 -0.75
C VAL B 76 -35.31 -19.61 -0.82
N PHE B 77 -35.88 -19.57 -2.03
CA PHE B 77 -37.30 -19.30 -2.15
C PHE B 77 -38.14 -20.35 -1.45
N ASP B 78 -37.66 -21.59 -1.42
CA ASP B 78 -38.46 -22.66 -0.84
C ASP B 78 -38.44 -22.67 0.68
N VAL B 79 -37.55 -21.91 1.32
CA VAL B 79 -37.54 -21.78 2.77
C VAL B 79 -37.87 -20.37 3.25
N ALA B 80 -37.82 -19.36 2.38
CA ALA B 80 -38.00 -17.98 2.81
C ALA B 80 -39.40 -17.75 3.37
N GLN B 81 -39.46 -16.90 4.41
CA GLN B 81 -40.68 -16.66 5.18
C GLN B 81 -41.26 -15.29 4.88
N GLN B 82 -42.59 -15.20 4.94
CA GLN B 82 -43.29 -13.94 4.75
C GLN B 82 -43.14 -13.07 5.99
N ILE B 83 -43.26 -11.76 5.80
CA ILE B 83 -43.18 -10.79 6.87
C ILE B 83 -44.52 -10.04 6.92
N PRO B 84 -45.18 -9.95 8.08
CA PRO B 84 -44.77 -10.47 9.39
C PRO B 84 -45.38 -11.80 9.82
N GLU B 85 -46.12 -12.46 8.92
CA GLU B 85 -46.82 -13.69 9.28
C GLU B 85 -45.89 -14.90 9.37
N GLY B 86 -44.73 -14.85 8.71
CA GLY B 86 -43.87 -16.01 8.61
C GLY B 86 -43.12 -16.32 9.89
N GLU B 87 -42.40 -17.46 9.84
CA GLU B 87 -41.84 -18.04 11.05
C GLU B 87 -40.70 -17.22 11.63
N THR B 88 -39.95 -16.50 10.81
CA THR B 88 -38.85 -15.73 11.35
C THR B 88 -39.37 -14.54 12.15
N THR B 89 -40.31 -13.79 11.58
CA THR B 89 -40.87 -12.67 12.31
C THR B 89 -41.57 -13.14 13.58
N THR B 90 -42.36 -14.21 13.50
CA THR B 90 -43.06 -14.65 14.70
C THR B 90 -42.08 -15.16 15.75
N PHE B 91 -41.04 -15.90 15.34
CA PHE B 91 -40.03 -16.31 16.31
C PHE B 91 -39.41 -15.10 17.00
N LEU B 92 -38.97 -14.12 16.23
CA LEU B 92 -38.40 -12.92 16.82
C LEU B 92 -39.43 -12.16 17.63
N MET B 93 -40.70 -12.22 17.24
CA MET B 93 -41.74 -11.53 18.00
C MET B 93 -41.89 -12.15 19.38
N GLU B 94 -42.01 -13.48 19.45
CA GLU B 94 -42.08 -14.17 20.74
C GLU B 94 -40.85 -13.86 21.58
N LEU B 95 -39.67 -13.84 20.96
CA LEU B 95 -38.45 -13.60 21.73
C LEU B 95 -38.39 -12.19 22.28
N ALA B 96 -38.79 -11.19 21.48
CA ALA B 96 -38.74 -9.81 21.97
C ALA B 96 -39.74 -9.58 23.09
N ARG B 97 -40.92 -10.21 22.99
CA ARG B 97 -41.92 -10.12 24.05
C ARG B 97 -41.41 -10.78 25.34
N GLU B 98 -40.83 -11.97 25.22
CA GLU B 98 -40.32 -12.71 26.37
C GLU B 98 -39.23 -11.92 27.10
N LEU B 99 -38.27 -11.38 26.36
CA LEU B 99 -37.15 -10.68 26.99
C LEU B 99 -37.41 -9.20 27.20
N GLY B 100 -38.45 -8.65 26.59
CA GLY B 100 -38.70 -7.23 26.70
C GLY B 100 -37.64 -6.38 26.04
N LEU B 101 -37.28 -6.70 24.79
CA LEU B 101 -36.30 -5.90 24.10
C LEU B 101 -36.75 -5.73 22.64
N TYR B 102 -35.96 -4.96 21.91
CA TYR B 102 -36.20 -4.71 20.50
C TYR B 102 -35.14 -5.42 19.69
N ILE B 103 -35.56 -6.04 18.59
CA ILE B 103 -34.67 -6.76 17.69
C ILE B 103 -34.79 -6.16 16.30
N VAL B 104 -33.65 -5.98 15.65
CA VAL B 104 -33.57 -5.77 14.21
C VAL B 104 -32.79 -6.97 13.65
N ALA B 105 -33.37 -7.62 12.64
CA ALA B 105 -32.79 -8.87 12.15
C ALA B 105 -32.92 -8.97 10.64
N GLY B 106 -31.82 -9.36 9.98
CA GLY B 106 -31.89 -9.65 8.55
C GLY B 106 -32.57 -11.00 8.27
N THR B 107 -33.42 -11.02 7.25
CA THR B 107 -34.18 -12.22 6.93
C THR B 107 -34.56 -12.20 5.46
N ALA B 108 -34.55 -13.37 4.82
CA ALA B 108 -35.08 -13.47 3.47
C ALA B 108 -36.57 -13.28 3.54
N GLU B 109 -37.10 -12.29 2.81
CA GLU B 109 -38.53 -12.02 2.82
C GLU B 109 -39.18 -12.63 1.57
N LYS B 110 -40.13 -13.53 1.78
CA LYS B 110 -41.00 -13.97 0.70
C LYS B 110 -42.20 -13.02 0.60
N SER B 111 -42.45 -12.50 -0.61
CA SER B 111 -43.61 -11.63 -0.85
C SER B 111 -44.19 -11.99 -2.23
N GLY B 112 -45.28 -12.75 -2.23
CA GLY B 112 -45.77 -13.26 -3.50
C GLY B 112 -44.70 -14.16 -4.09
N ASN B 113 -44.41 -13.96 -5.38
CA ASN B 113 -43.33 -14.68 -6.03
C ASN B 113 -42.00 -13.92 -5.98
N TYR B 114 -41.91 -12.89 -5.16
CA TYR B 114 -40.69 -12.11 -5.04
C TYR B 114 -39.94 -12.48 -3.77
N LEU B 115 -38.63 -12.24 -3.81
CA LEU B 115 -37.74 -12.46 -2.67
C LEU B 115 -37.05 -11.14 -2.40
N TYR B 116 -37.07 -10.71 -1.15
CA TYR B 116 -36.37 -9.50 -0.75
C TYR B 116 -35.36 -9.85 0.32
N ASN B 117 -34.23 -9.13 0.28
CA ASN B 117 -33.20 -9.21 1.32
C ASN B 117 -33.55 -8.15 2.35
N SER B 118 -34.18 -8.58 3.44
CA SER B 118 -34.93 -7.66 4.28
C SER B 118 -34.42 -7.66 5.71
N ALA B 119 -34.91 -6.71 6.48
CA ALA B 119 -34.66 -6.66 7.91
C ALA B 119 -35.98 -6.35 8.60
N VAL B 120 -36.27 -7.06 9.68
CA VAL B 120 -37.49 -6.85 10.43
C VAL B 120 -37.13 -6.19 11.75
N VAL B 121 -38.06 -5.38 12.24
CA VAL B 121 -37.96 -4.71 13.52
C VAL B 121 -39.12 -5.20 14.36
N VAL B 122 -38.82 -5.76 15.53
CA VAL B 122 -39.85 -6.21 16.45
C VAL B 122 -39.53 -5.66 17.82
N GLY B 123 -40.56 -5.50 18.62
CA GLY B 123 -40.41 -5.00 19.97
C GLY B 123 -41.23 -5.81 20.95
N PRO B 124 -41.24 -5.39 22.21
CA PRO B 124 -42.02 -6.15 23.22
C PRO B 124 -43.50 -6.22 22.91
N ARG B 125 -44.04 -5.28 22.13
CA ARG B 125 -45.46 -5.26 21.81
C ARG B 125 -45.78 -5.88 20.45
N GLY B 126 -44.77 -6.32 19.69
CA GLY B 126 -45.04 -7.07 18.48
C GLY B 126 -44.26 -6.53 17.31
N TYR B 127 -44.76 -6.84 16.12
CA TYR B 127 -44.11 -6.42 14.89
C TYR B 127 -44.16 -4.91 14.73
N ILE B 128 -43.05 -4.31 14.33
CA ILE B 128 -42.92 -2.87 14.17
C ILE B 128 -42.85 -2.48 12.71
N GLY B 129 -42.00 -3.16 11.94
CA GLY B 129 -41.81 -2.77 10.57
C GLY B 129 -40.68 -3.54 9.95
N LYS B 130 -40.43 -3.24 8.69
CA LYS B 130 -39.43 -3.96 7.91
C LYS B 130 -38.74 -2.98 6.96
N TYR B 131 -37.53 -3.36 6.57
CA TYR B 131 -36.75 -2.65 5.57
C TYR B 131 -36.28 -3.66 4.53
N ARG B 132 -36.25 -3.24 3.25
CA ARG B 132 -35.81 -4.09 2.15
C ARG B 132 -34.54 -3.51 1.52
N LYS B 133 -33.49 -4.32 1.48
CA LYS B 133 -32.15 -3.86 1.08
C LYS B 133 -32.19 -3.17 -0.27
N ILE B 134 -31.77 -1.90 -0.27
CA ILE B 134 -31.90 -1.07 -1.46
C ILE B 134 -30.79 -1.34 -2.46
N HIS B 135 -29.56 -1.50 -2.01
CA HIS B 135 -28.41 -1.74 -2.87
C HIS B 135 -27.99 -3.21 -2.75
N LEU B 136 -28.37 -4.01 -3.74
CA LEU B 136 -27.97 -5.42 -3.74
C LEU B 136 -26.53 -5.58 -4.15
N PHE B 137 -25.87 -6.58 -3.58
CA PHE B 137 -24.46 -6.83 -3.81
C PHE B 137 -24.27 -8.12 -4.60
N TYR B 138 -23.61 -8.03 -5.75
CA TYR B 138 -23.10 -9.18 -6.47
C TYR B 138 -24.20 -10.20 -6.73
N ARG B 139 -24.00 -11.43 -6.27
CA ARG B 139 -24.93 -12.51 -6.60
C ARG B 139 -26.31 -12.32 -5.98
N GLU B 140 -26.48 -11.41 -5.02
CA GLU B 140 -27.81 -11.15 -4.49
C GLU B 140 -28.79 -10.74 -5.59
N LYS B 141 -28.27 -10.10 -6.65
CA LYS B 141 -29.12 -9.69 -7.76
C LYS B 141 -29.69 -10.88 -8.52
N VAL B 142 -29.10 -12.07 -8.33
CA VAL B 142 -29.67 -13.30 -8.87
C VAL B 142 -30.91 -13.73 -8.08
N PHE B 143 -30.91 -13.51 -6.77
CA PHE B 143 -31.93 -14.08 -5.90
C PHE B 143 -32.99 -13.10 -5.45
N PHE B 144 -32.63 -11.84 -5.22
CA PHE B 144 -33.50 -10.90 -4.53
C PHE B 144 -33.96 -9.80 -5.48
N GLU B 145 -35.16 -9.28 -5.23
CA GLU B 145 -35.56 -8.03 -5.86
C GLU B 145 -34.92 -6.87 -5.12
N PRO B 146 -34.49 -5.82 -5.84
CA PRO B 146 -34.01 -4.61 -5.15
C PRO B 146 -35.10 -4.03 -4.27
N GLY B 147 -34.71 -3.57 -3.08
CA GLY B 147 -35.68 -3.05 -2.15
C GLY B 147 -36.43 -1.87 -2.71
N ASP B 148 -37.68 -1.70 -2.24
CA ASP B 148 -38.56 -0.68 -2.81
C ASP B 148 -39.30 0.13 -1.76
N LEU B 149 -38.98 -0.02 -0.47
CA LEU B 149 -39.66 0.71 0.59
C LEU B 149 -38.92 1.97 1.01
N GLY B 150 -37.72 2.20 0.48
CA GLY B 150 -36.91 3.31 0.92
C GLY B 150 -36.21 2.99 2.22
N PHE B 151 -35.51 4.01 2.73
CA PHE B 151 -34.86 3.93 4.02
C PHE B 151 -35.82 4.44 5.08
N LYS B 152 -36.13 3.62 6.08
CA LYS B 152 -37.11 3.96 7.08
C LYS B 152 -36.49 4.05 8.48
N VAL B 153 -37.08 4.92 9.30
CA VAL B 153 -36.70 5.08 10.70
C VAL B 153 -37.87 4.60 11.55
N PHE B 154 -37.57 3.79 12.55
CA PHE B 154 -38.59 3.20 13.41
C PHE B 154 -38.46 3.78 14.82
N ASP B 155 -39.58 4.24 15.37
CA ASP B 155 -39.65 4.75 16.73
C ASP B 155 -39.79 3.58 17.69
N ILE B 156 -38.77 3.32 18.49
CA ILE B 156 -38.91 2.25 19.47
C ILE B 156 -38.99 2.87 20.86
N GLY B 157 -39.64 4.03 20.94
CA GLY B 157 -39.89 4.67 22.21
C GLY B 157 -38.71 5.46 22.73
N PHE B 158 -37.69 4.75 23.21
CA PHE B 158 -36.51 5.41 23.77
C PHE B 158 -35.57 5.94 22.69
N ALA B 159 -35.71 5.48 21.45
CA ALA B 159 -34.81 5.93 20.39
C ALA B 159 -35.50 5.79 19.04
N LYS B 160 -35.02 6.57 18.10
CA LYS B 160 -35.36 6.42 16.69
C LYS B 160 -34.27 5.60 16.03
N VAL B 161 -34.64 4.48 15.41
CA VAL B 161 -33.67 3.57 14.81
C VAL B 161 -33.89 3.53 13.31
N GLY B 162 -32.84 3.89 12.57
CA GLY B 162 -32.80 3.62 11.15
C GLY B 162 -32.26 2.23 10.89
N VAL B 163 -32.59 1.69 9.72
CA VAL B 163 -32.11 0.36 9.35
C VAL B 163 -31.55 0.40 7.94
N MET B 164 -30.36 -0.16 7.77
CA MET B 164 -29.81 -0.44 6.45
C MET B 164 -29.10 -1.78 6.54
N ILE B 165 -28.82 -2.37 5.39
CA ILE B 165 -28.33 -3.74 5.35
C ILE B 165 -27.04 -3.78 4.56
N ALA B 166 -25.99 -4.34 5.18
CA ALA B 166 -24.71 -4.63 4.55
C ALA B 166 -24.30 -3.56 3.55
N PHE B 167 -24.20 -3.94 2.27
CA PHE B 167 -23.68 -3.09 1.19
C PHE B 167 -24.30 -1.70 1.12
N ASP B 168 -25.47 -1.49 1.74
CA ASP B 168 -25.99 -0.13 1.89
C ASP B 168 -24.95 0.81 2.47
N TRP B 169 -24.06 0.31 3.33
CA TRP B 169 -23.05 1.18 3.94
C TRP B 169 -22.16 1.83 2.89
N PHE B 170 -21.96 1.16 1.75
CA PHE B 170 -21.03 1.65 0.75
C PHE B 170 -21.49 3.00 0.19
N PHE B 171 -22.79 3.24 0.23
CA PHE B 171 -23.38 4.45 -0.33
C PHE B 171 -23.62 5.41 0.81
N PRO B 172 -22.91 6.54 0.86
CA PRO B 172 -23.12 7.45 1.99
C PRO B 172 -24.55 7.94 2.07
N GLU B 173 -25.27 7.96 0.95
CA GLU B 173 -26.65 8.43 0.97
C GLU B 173 -27.56 7.54 1.82
N SER B 174 -27.18 6.28 2.07
CA SER B 174 -28.04 5.40 2.86
C SER B 174 -28.10 5.87 4.30
N ALA B 175 -26.94 5.93 4.97
CA ALA B 175 -26.92 6.38 6.35
C ALA B 175 -27.35 7.85 6.46
N ARG B 176 -26.97 8.67 5.49
CA ARG B 176 -27.36 10.07 5.52
C ARG B 176 -28.86 10.23 5.45
N THR B 177 -29.52 9.48 4.57
CA THR B 177 -30.98 9.55 4.48
C THR B 177 -31.63 9.13 5.78
N LEU B 178 -31.14 8.06 6.41
CA LEU B 178 -31.68 7.63 7.68
C LEU B 178 -31.50 8.71 8.75
N ALA B 179 -30.30 9.29 8.83
CA ALA B 179 -30.03 10.28 9.88
C ALA B 179 -30.83 11.56 9.63
N LEU B 180 -30.97 11.98 8.38
CA LEU B 180 -31.77 13.16 8.08
C LEU B 180 -33.25 12.94 8.40
N LYS B 181 -33.70 11.68 8.38
CA LYS B 181 -35.05 11.33 8.82
C LYS B 181 -35.15 11.14 10.33
N GLY B 182 -34.09 11.47 11.09
CA GLY B 182 -34.18 11.43 12.53
C GLY B 182 -33.59 10.21 13.20
N ALA B 183 -32.98 9.30 12.44
CA ALA B 183 -32.31 8.17 13.06
C ALA B 183 -31.23 8.63 14.03
N GLU B 184 -31.30 8.11 15.25
CA GLU B 184 -30.26 8.29 16.25
C GLU B 184 -29.34 7.08 16.35
N ILE B 185 -29.88 5.90 16.04
CA ILE B 185 -29.12 4.68 15.89
C ILE B 185 -29.39 4.15 14.49
N ILE B 186 -28.35 3.68 13.81
CA ILE B 186 -28.52 2.92 12.58
C ILE B 186 -28.19 1.48 12.90
N ALA B 187 -29.21 0.63 12.89
CA ALA B 187 -29.02 -0.81 13.00
C ALA B 187 -28.66 -1.35 11.64
N HIS B 188 -27.65 -2.19 11.58
CA HIS B 188 -26.99 -2.53 10.32
C HIS B 188 -26.69 -4.02 10.25
N PRO B 189 -27.71 -4.84 9.97
CA PRO B 189 -27.45 -6.26 9.70
C PRO B 189 -26.55 -6.41 8.48
N ALA B 190 -25.58 -7.33 8.56
CA ALA B 190 -24.61 -7.44 7.48
C ALA B 190 -24.07 -8.86 7.39
N ASN B 191 -23.71 -9.24 6.15
CA ASN B 191 -22.92 -10.43 5.82
C ASN B 191 -21.74 -9.91 5.02
N LEU B 192 -20.75 -9.32 5.69
CA LEU B 192 -19.68 -8.62 5.01
C LEU B 192 -18.67 -9.58 4.41
N VAL B 193 -18.29 -9.36 3.14
CA VAL B 193 -17.24 -10.13 2.50
C VAL B 193 -16.04 -9.26 2.10
N MET B 194 -16.27 -7.97 1.89
CA MET B 194 -15.17 -7.05 1.60
C MET B 194 -14.50 -6.60 2.91
N PRO B 195 -13.25 -6.12 2.85
CA PRO B 195 -12.58 -5.70 4.07
C PRO B 195 -12.97 -4.32 4.57
N TYR B 196 -13.78 -3.55 3.83
CA TYR B 196 -13.83 -2.11 4.06
C TYR B 196 -14.75 -1.70 5.21
N ALA B 197 -15.90 -2.35 5.38
CA ALA B 197 -16.92 -1.83 6.29
C ALA B 197 -16.42 -1.49 7.70
N PRO B 198 -15.56 -2.30 8.35
CA PRO B 198 -15.10 -1.90 9.68
C PRO B 198 -14.37 -0.57 9.70
N ARG B 199 -13.68 -0.21 8.61
CA ARG B 199 -13.06 1.10 8.52
C ARG B 199 -14.05 2.21 8.20
N ALA B 200 -15.13 1.91 7.50
CA ALA B 200 -16.04 2.94 7.02
C ALA B 200 -17.12 3.28 8.03
N MET B 201 -17.54 2.31 8.82
CA MET B 201 -18.70 2.51 9.67
C MET B 201 -18.45 3.59 10.71
N PRO B 202 -17.25 3.73 11.28
CA PRO B 202 -17.03 4.88 12.18
C PRO B 202 -17.15 6.21 11.49
N ILE B 203 -16.89 6.26 10.17
CA ILE B 203 -17.06 7.49 9.42
C ILE B 203 -18.54 7.75 9.17
N ARG B 204 -19.29 6.70 8.81
CA ARG B 204 -20.74 6.83 8.71
C ARG B 204 -21.34 7.35 10.00
N ALA B 205 -20.90 6.80 11.13
CA ALA B 205 -21.40 7.28 12.42
C ALA B 205 -20.97 8.72 12.67
N LEU B 206 -19.72 9.05 12.37
CA LEU B 206 -19.21 10.39 12.64
C LEU B 206 -19.95 11.43 11.81
N GLU B 207 -20.03 11.21 10.49
CA GLU B 207 -20.53 12.23 9.58
C GLU B 207 -22.02 12.51 9.78
N ASN B 208 -22.76 11.57 10.36
CA ASN B 208 -24.17 11.78 10.68
C ASN B 208 -24.40 12.02 12.16
N ARG B 209 -23.34 12.00 12.98
CA ARG B 209 -23.45 12.03 14.44
C ARG B 209 -24.52 11.07 14.95
N VAL B 210 -24.38 9.80 14.58
CA VAL B 210 -25.28 8.75 15.05
C VAL B 210 -24.44 7.59 15.58
N TYR B 211 -25.09 6.71 16.34
CA TYR B 211 -24.53 5.41 16.65
C TYR B 211 -24.86 4.42 15.54
N THR B 212 -23.90 3.57 15.19
CA THR B 212 -24.11 2.51 14.21
C THR B 212 -23.86 1.17 14.90
N ILE B 213 -24.68 0.19 14.57
CA ILE B 213 -24.53 -1.15 15.12
C ILE B 213 -24.49 -2.08 13.91
N THR B 214 -23.30 -2.47 13.52
CA THR B 214 -23.13 -3.42 12.42
C THR B 214 -23.04 -4.82 13.01
N ALA B 215 -24.04 -5.65 12.73
CA ALA B 215 -24.11 -7.02 13.23
C ALA B 215 -23.72 -7.92 12.05
N ASP B 216 -22.47 -8.32 12.01
CA ASP B 216 -21.96 -9.16 10.94
C ASP B 216 -22.07 -10.63 11.35
N ARG B 217 -22.19 -11.49 10.34
CA ARG B 217 -22.05 -12.91 10.60
C ARG B 217 -20.57 -13.30 10.49
N VAL B 218 -20.27 -14.54 10.83
CA VAL B 218 -18.96 -15.12 10.66
C VAL B 218 -19.10 -16.40 9.82
N GLY B 219 -17.96 -17.04 9.57
CA GLY B 219 -17.92 -18.37 9.00
C GLY B 219 -17.54 -18.36 7.53
N GLU B 220 -17.24 -19.55 7.04
CA GLU B 220 -17.11 -19.79 5.61
C GLU B 220 -18.33 -20.59 5.17
N GLU B 221 -18.97 -20.13 4.10
CA GLU B 221 -20.24 -20.70 3.65
C GLU B 221 -20.11 -21.06 2.18
N ARG B 222 -19.92 -22.35 1.90
CA ARG B 222 -19.80 -22.81 0.52
C ARG B 222 -18.72 -22.01 -0.21
N GLY B 223 -17.55 -21.92 0.41
CA GLY B 223 -16.44 -21.22 -0.17
C GLY B 223 -16.33 -19.75 0.18
N LEU B 224 -17.42 -19.10 0.55
CA LEU B 224 -17.42 -17.65 0.75
C LEU B 224 -17.17 -17.35 2.22
N LYS B 225 -16.11 -16.59 2.49
CA LYS B 225 -15.74 -16.27 3.87
C LYS B 225 -16.17 -14.86 4.29
N PHE B 226 -16.91 -14.80 5.39
CA PHE B 226 -17.37 -13.52 5.93
C PHE B 226 -16.35 -13.05 6.93
N ILE B 227 -16.31 -11.74 7.12
CA ILE B 227 -15.18 -11.13 7.81
C ILE B 227 -15.44 -10.89 9.29
N GLY B 228 -16.64 -11.18 9.80
CA GLY B 228 -16.93 -10.90 11.20
C GLY B 228 -16.79 -9.41 11.49
N LYS B 229 -16.16 -9.11 12.61
CA LYS B 229 -15.87 -7.72 12.98
C LYS B 229 -17.13 -6.85 13.04
N SER B 230 -18.22 -7.43 13.56
CA SER B 230 -19.33 -6.61 14.04
C SER B 230 -18.79 -5.46 14.87
N LEU B 231 -19.45 -4.30 14.81
CA LEU B 231 -18.90 -3.17 15.54
C LEU B 231 -19.98 -2.14 15.82
N ILE B 232 -19.82 -1.47 16.96
CA ILE B 232 -20.68 -0.36 17.34
C ILE B 232 -19.81 0.88 17.35
N ALA B 233 -20.23 1.90 16.61
CA ALA B 233 -19.47 3.14 16.47
C ALA B 233 -20.30 4.30 16.99
N SER B 234 -19.62 5.26 17.61
CA SER B 234 -20.28 6.40 18.22
C SER B 234 -20.32 7.58 17.26
N PRO B 235 -21.12 8.61 17.59
CA PRO B 235 -21.14 9.83 16.76
C PRO B 235 -19.79 10.53 16.68
N LYS B 236 -18.83 10.16 17.53
CA LYS B 236 -17.48 10.69 17.45
C LYS B 236 -16.50 9.71 16.79
N ALA B 237 -17.02 8.76 16.00
CA ALA B 237 -16.20 7.78 15.29
C ALA B 237 -15.44 6.85 16.23
N GLU B 238 -15.85 6.77 17.49
N GLU B 238 -15.84 6.76 17.49
CA GLU B 238 -15.23 5.84 18.43
CA GLU B 238 -15.21 5.84 18.40
C GLU B 238 -15.77 4.44 18.22
C GLU B 238 -15.77 4.43 18.21
N VAL B 239 -14.87 3.45 18.15
CA VAL B 239 -15.28 2.06 18.09
C VAL B 239 -15.53 1.62 19.52
N LEU B 240 -16.81 1.60 19.91
CA LEU B 240 -17.20 1.25 21.27
C LEU B 240 -17.12 -0.24 21.53
N SER B 241 -17.30 -1.04 20.48
CA SER B 241 -17.23 -2.50 20.56
C SER B 241 -16.94 -3.00 19.17
N ILE B 242 -15.99 -3.94 19.06
CA ILE B 242 -15.74 -4.62 17.78
C ILE B 242 -15.53 -6.10 18.06
N ALA B 243 -16.05 -6.94 17.18
CA ALA B 243 -16.00 -8.37 17.38
C ALA B 243 -14.82 -8.99 16.61
N SER B 244 -14.59 -10.27 16.90
CA SER B 244 -13.56 -11.05 16.23
C SER B 244 -13.92 -11.29 14.76
N GLU B 245 -12.94 -11.79 14.03
CA GLU B 245 -13.18 -12.18 12.63
C GLU B 245 -14.03 -13.44 12.53
N THR B 246 -13.81 -14.40 13.43
CA THR B 246 -14.30 -15.76 13.22
C THR B 246 -15.30 -16.26 14.25
N GLU B 247 -15.38 -15.65 15.44
CA GLU B 247 -16.13 -16.29 16.51
C GLU B 247 -17.53 -15.72 16.65
N GLU B 248 -18.43 -16.56 17.15
CA GLU B 248 -19.73 -16.08 17.58
C GLU B 248 -19.60 -15.36 18.91
N GLU B 249 -20.26 -14.21 19.01
CA GLU B 249 -20.13 -13.43 20.23
C GLU B 249 -21.17 -12.32 20.20
N ILE B 250 -21.40 -11.74 21.37
CA ILE B 250 -22.24 -10.57 21.47
C ILE B 250 -21.35 -9.39 21.80
N GLY B 251 -21.86 -8.21 21.54
CA GLY B 251 -21.22 -7.00 22.01
C GLY B 251 -22.30 -6.04 22.45
N VAL B 252 -22.32 -5.68 23.73
CA VAL B 252 -23.33 -4.79 24.30
C VAL B 252 -22.61 -3.61 24.93
N VAL B 253 -23.06 -2.39 24.60
CA VAL B 253 -22.49 -1.18 25.17
C VAL B 253 -23.62 -0.23 25.56
N GLU B 254 -23.40 0.53 26.62
CA GLU B 254 -24.34 1.58 27.00
C GLU B 254 -23.99 2.87 26.27
N ILE B 255 -24.96 3.43 25.55
CA ILE B 255 -24.73 4.61 24.72
C ILE B 255 -25.60 5.76 25.18
N ASP B 256 -25.09 6.98 24.99
CA ASP B 256 -25.77 8.22 25.33
C ASP B 256 -26.45 8.78 24.09
N LEU B 257 -27.77 8.60 23.99
CA LEU B 257 -28.48 9.08 22.81
C LEU B 257 -28.44 10.60 22.70
N ASN B 258 -28.17 11.32 23.79
CA ASN B 258 -28.01 12.77 23.68
C ASN B 258 -26.86 13.11 22.74
N LEU B 259 -25.82 12.28 22.72
CA LEU B 259 -24.68 12.52 21.81
C LEU B 259 -25.09 12.40 20.36
N ALA B 260 -26.05 11.53 20.05
CA ALA B 260 -26.59 11.46 18.70
C ALA B 260 -27.56 12.58 18.42
N ARG B 261 -28.32 13.02 19.42
CA ARG B 261 -29.33 14.04 19.20
C ARG B 261 -28.72 15.43 19.04
N ASN B 262 -27.58 15.67 19.67
CA ASN B 262 -26.89 16.95 19.55
C ASN B 262 -25.97 16.88 18.33
N LYS B 263 -26.34 17.58 17.27
CA LYS B 263 -25.54 17.60 16.05
C LYS B 263 -24.41 18.62 16.10
N ARG B 264 -24.25 19.34 17.21
CA ARG B 264 -23.22 20.37 17.31
C ARG B 264 -21.88 19.68 17.46
N LEU B 265 -21.05 19.76 16.41
CA LEU B 265 -19.69 19.24 16.48
C LEU B 265 -18.84 20.11 17.38
N ASN B 266 -18.95 21.42 17.23
CA ASN B 266 -18.44 22.40 18.16
C ASN B 266 -19.54 23.47 18.31
N ASP B 267 -19.20 24.58 18.97
CA ASP B 267 -20.26 25.55 19.26
C ASP B 267 -20.57 26.49 18.11
N MET B 268 -19.93 26.34 16.96
CA MET B 268 -20.30 27.11 15.78
C MET B 268 -20.65 26.23 14.59
N ASN B 269 -20.66 24.92 14.76
CA ASN B 269 -20.88 23.98 13.67
C ASN B 269 -21.92 22.97 14.13
N ASP B 270 -23.12 23.10 13.61
CA ASP B 270 -24.13 22.06 13.70
C ASP B 270 -24.12 21.34 12.36
N ILE B 271 -23.82 20.03 12.40
CA ILE B 271 -23.56 19.28 11.17
C ILE B 271 -24.74 19.38 10.21
N PHE B 272 -25.97 19.31 10.72
CA PHE B 272 -27.12 19.30 9.83
C PHE B 272 -27.49 20.70 9.37
N LYS B 273 -27.43 21.69 10.27
CA LYS B 273 -27.69 23.06 9.87
C LYS B 273 -26.62 23.59 8.92
N ASP B 274 -25.42 23.05 9.00
CA ASP B 274 -24.34 23.46 8.11
C ASP B 274 -24.43 22.84 6.72
N ARG B 275 -25.25 21.79 6.53
CA ARG B 275 -25.44 21.26 5.19
C ARG B 275 -26.00 22.36 4.28
N ARG B 276 -25.59 22.32 3.01
N ARG B 276 -25.58 22.34 3.03
CA ARG B 276 -25.95 23.31 2.01
CA ARG B 276 -26.01 23.35 2.04
C ARG B 276 -26.43 22.56 0.76
C ARG B 276 -26.45 22.61 0.78
N GLU B 277 -27.69 22.10 0.82
CA GLU B 277 -28.19 21.23 -0.24
C GLU B 277 -28.15 21.88 -1.62
N GLU B 278 -28.30 23.20 -1.69
CA GLU B 278 -28.31 23.85 -2.99
C GLU B 278 -27.00 23.68 -3.76
N TYR B 279 -25.96 23.15 -3.12
CA TYR B 279 -24.70 22.88 -3.80
C TYR B 279 -24.41 21.40 -3.97
N TYR B 280 -25.34 20.52 -3.59
CA TYR B 280 -25.13 19.09 -3.64
C TYR B 280 -25.80 18.50 -4.88
N PHE B 281 -25.11 17.55 -5.51
CA PHE B 281 -25.63 16.79 -6.66
C PHE B 281 -26.07 17.71 -7.79
N ARG B 282 -25.39 18.85 -7.93
CA ARG B 282 -25.68 19.85 -8.95
C ARG B 282 -24.52 20.84 -9.02
N HIS C 20 30.63 15.17 -13.88
CA HIS C 20 30.13 13.94 -13.29
C HIS C 20 28.76 13.55 -13.84
N MET C 21 28.18 14.41 -14.67
CA MET C 21 26.98 14.08 -15.39
C MET C 21 27.34 13.49 -16.75
N VAL C 22 26.60 12.48 -17.16
CA VAL C 22 26.86 11.82 -18.44
C VAL C 22 25.56 11.22 -18.94
N LYS C 23 25.36 11.26 -20.25
CA LYS C 23 24.23 10.60 -20.87
C LYS C 23 24.64 9.20 -21.28
N VAL C 24 23.79 8.22 -20.96
CA VAL C 24 24.03 6.82 -21.24
C VAL C 24 22.72 6.25 -21.77
N GLY C 25 22.79 5.08 -22.38
CA GLY C 25 21.59 4.57 -22.99
C GLY C 25 21.66 3.10 -23.36
N TYR C 26 20.48 2.53 -23.55
CA TYR C 26 20.35 1.17 -24.05
C TYR C 26 19.91 1.20 -25.52
N ILE C 27 20.27 0.15 -26.23
CA ILE C 27 19.83 -0.08 -27.59
C ILE C 27 18.94 -1.33 -27.57
N GLN C 28 17.64 -1.16 -27.70
CA GLN C 28 16.71 -2.28 -27.77
C GLN C 28 16.43 -2.61 -29.23
N MET C 29 16.96 -3.73 -29.70
CA MET C 29 16.85 -4.11 -31.10
C MET C 29 16.37 -5.54 -31.20
N GLU C 30 16.08 -5.96 -32.44
CA GLU C 30 15.68 -7.33 -32.72
C GLU C 30 16.75 -7.98 -33.58
N PRO C 31 17.69 -8.71 -32.99
CA PRO C 31 18.65 -9.45 -33.81
C PRO C 31 17.95 -10.50 -34.66
N LYS C 32 18.40 -10.63 -35.89
CA LYS C 32 17.91 -11.70 -36.77
C LYS C 32 18.96 -12.80 -36.76
N ILE C 33 18.53 -14.01 -36.42
CA ILE C 33 19.48 -15.05 -36.03
C ILE C 33 20.39 -15.42 -37.20
N LEU C 34 21.69 -15.51 -36.91
CA LEU C 34 22.76 -15.82 -37.85
C LEU C 34 22.90 -14.80 -38.97
N GLU C 35 22.21 -13.66 -38.88
CA GLU C 35 22.33 -12.57 -39.85
C GLU C 35 23.19 -11.44 -39.29
N LEU C 36 24.50 -11.72 -39.22
CA LEU C 36 25.41 -10.82 -38.53
C LEU C 36 25.44 -9.44 -39.19
N ASP C 37 25.42 -9.39 -40.52
CA ASP C 37 25.54 -8.09 -41.19
C ASP C 37 24.28 -7.26 -41.07
N LYS C 38 23.11 -7.89 -41.11
CA LYS C 38 21.87 -7.14 -40.87
C LYS C 38 21.82 -6.61 -39.46
N ASN C 39 22.34 -7.37 -38.50
CA ASN C 39 22.31 -6.96 -37.10
C ASN C 39 23.32 -5.83 -36.84
N TYR C 40 24.49 -5.91 -37.47
CA TYR C 40 25.40 -4.76 -37.50
C TYR C 40 24.68 -3.51 -37.99
N SER C 41 23.98 -3.62 -39.13
CA SER C 41 23.36 -2.45 -39.72
C SER C 41 22.29 -1.87 -38.80
N LYS C 42 21.46 -2.73 -38.21
CA LYS C 42 20.44 -2.24 -37.28
C LYS C 42 21.10 -1.62 -36.04
N ALA C 43 22.15 -2.28 -35.54
CA ALA C 43 22.86 -1.74 -34.38
C ALA C 43 23.47 -0.38 -34.69
N GLU C 44 24.08 -0.23 -35.87
CA GLU C 44 24.63 1.08 -36.23
C GLU C 44 23.53 2.13 -36.32
N LYS C 45 22.37 1.77 -36.90
CA LYS C 45 21.31 2.74 -37.04
C LYS C 45 20.84 3.27 -35.68
N LEU C 46 20.64 2.38 -34.72
CA LEU C 46 20.10 2.80 -33.44
C LEU C 46 21.17 3.51 -32.61
N ILE C 47 22.41 3.06 -32.70
CA ILE C 47 23.48 3.72 -31.94
C ILE C 47 23.68 5.15 -32.44
N LYS C 48 23.55 5.35 -33.75
CA LYS C 48 23.60 6.69 -34.30
C LYS C 48 22.45 7.55 -33.74
N GLU C 49 21.27 6.98 -33.62
CA GLU C 49 20.16 7.71 -33.02
C GLU C 49 20.48 8.12 -31.58
N ALA C 50 21.07 7.19 -30.81
CA ALA C 50 21.43 7.51 -29.43
C ALA C 50 22.52 8.57 -29.38
N SER C 51 23.54 8.43 -30.22
CA SER C 51 24.65 9.39 -30.22
C SER C 51 24.16 10.81 -30.41
N LYS C 52 23.19 11.00 -31.31
CA LYS C 52 22.65 12.34 -31.54
C LYS C 52 21.86 12.85 -30.33
N GLU C 53 21.35 11.97 -29.48
CA GLU C 53 20.71 12.39 -28.24
C GLU C 53 21.71 12.62 -27.12
N GLY C 54 23.00 12.59 -27.41
CA GLY C 54 24.03 12.91 -26.44
C GLY C 54 24.65 11.74 -25.72
N ALA C 55 24.34 10.51 -26.13
CA ALA C 55 24.76 9.35 -25.36
C ALA C 55 26.25 9.09 -25.55
N LYS C 56 26.99 9.09 -24.45
CA LYS C 56 28.41 8.78 -24.42
C LYS C 56 28.69 7.32 -24.13
N LEU C 57 27.70 6.56 -23.69
CA LEU C 57 27.83 5.14 -23.42
C LEU C 57 26.52 4.49 -23.85
N VAL C 58 26.61 3.49 -24.73
CA VAL C 58 25.44 2.76 -25.18
C VAL C 58 25.69 1.28 -24.96
N VAL C 59 24.62 0.55 -24.70
CA VAL C 59 24.67 -0.87 -24.43
C VAL C 59 23.78 -1.58 -25.42
N LEU C 60 24.32 -2.62 -26.05
CA LEU C 60 23.61 -3.44 -27.01
C LEU C 60 23.18 -4.73 -26.34
N PRO C 61 22.17 -5.43 -26.89
CA PRO C 61 21.68 -6.65 -26.25
C PRO C 61 22.70 -7.78 -26.27
N GLU C 62 22.39 -8.79 -25.46
CA GLU C 62 23.12 -10.04 -25.49
C GLU C 62 23.10 -10.64 -26.90
N LEU C 63 24.25 -11.18 -27.33
CA LEU C 63 24.34 -11.87 -28.62
C LEU C 63 23.64 -11.08 -29.73
N PHE C 64 23.90 -9.77 -29.76
CA PHE C 64 23.19 -8.90 -30.70
C PHE C 64 23.52 -9.25 -32.15
N ASP C 65 24.68 -9.87 -32.40
CA ASP C 65 25.14 -10.10 -33.76
C ASP C 65 24.68 -11.44 -34.30
N THR C 66 24.68 -12.47 -33.46
CA THR C 66 24.31 -13.82 -33.87
C THR C 66 22.85 -14.16 -33.60
N GLY C 67 22.19 -13.46 -32.67
CA GLY C 67 20.93 -13.93 -32.17
C GLY C 67 21.15 -15.00 -31.13
N TYR C 68 20.06 -15.57 -30.64
CA TYR C 68 20.10 -16.36 -29.42
C TYR C 68 19.72 -17.82 -29.62
N ASN C 69 18.58 -18.09 -30.25
CA ASN C 69 17.95 -19.40 -30.06
C ASN C 69 18.45 -20.41 -31.10
N PHE C 70 19.71 -20.82 -30.93
CA PHE C 70 20.33 -21.72 -31.89
C PHE C 70 19.72 -23.12 -31.84
N GLU C 71 19.65 -23.75 -33.01
CA GLU C 71 19.25 -25.16 -33.05
C GLU C 71 20.39 -26.07 -32.61
N SER C 72 21.64 -25.66 -32.80
CA SER C 72 22.79 -26.52 -32.55
C SER C 72 24.01 -25.66 -32.33
N ARG C 73 25.02 -26.26 -31.70
CA ARG C 73 26.29 -25.57 -31.49
C ARG C 73 26.95 -25.20 -32.81
N GLU C 74 26.81 -26.06 -33.82
CA GLU C 74 27.43 -25.80 -35.12
C GLU C 74 26.90 -24.51 -35.72
N GLU C 75 25.62 -24.21 -35.52
CA GLU C 75 25.02 -22.99 -36.05
C GLU C 75 25.74 -21.76 -35.54
N VAL C 76 26.05 -21.72 -34.25
CA VAL C 76 26.74 -20.55 -33.70
C VAL C 76 28.25 -20.65 -33.89
N PHE C 77 28.80 -21.86 -33.77
CA PHE C 77 30.24 -22.05 -33.96
C PHE C 77 30.68 -21.59 -35.35
N ASP C 78 29.81 -21.74 -36.35
CA ASP C 78 30.12 -21.42 -37.74
C ASP C 78 30.09 -19.93 -38.03
N VAL C 79 29.50 -19.11 -37.16
CA VAL C 79 29.42 -17.68 -37.41
C VAL C 79 30.12 -16.85 -36.34
N ALA C 80 30.43 -17.42 -35.18
CA ALA C 80 30.97 -16.65 -34.07
C ALA C 80 32.33 -16.04 -34.43
N GLN C 81 32.54 -14.81 -33.99
CA GLN C 81 33.73 -14.03 -34.30
C GLN C 81 34.70 -14.03 -33.13
N GLN C 82 35.99 -13.90 -33.44
CA GLN C 82 36.99 -13.80 -32.39
C GLN C 82 37.00 -12.38 -31.83
N ILE C 83 37.42 -12.26 -30.58
CA ILE C 83 37.56 -10.97 -29.92
C ILE C 83 39.03 -10.76 -29.59
N PRO C 84 39.64 -9.65 -30.02
CA PRO C 84 39.00 -8.52 -30.72
C PRO C 84 39.22 -8.48 -32.22
N GLU C 85 39.81 -9.54 -32.77
CA GLU C 85 40.22 -9.52 -34.16
C GLU C 85 39.05 -9.68 -35.12
N GLY C 86 37.97 -10.32 -34.68
CA GLY C 86 36.85 -10.66 -35.53
C GLY C 86 35.97 -9.47 -35.88
N GLU C 87 34.95 -9.76 -36.69
CA GLU C 87 34.22 -8.70 -37.37
C GLU C 87 33.26 -7.94 -36.46
N THR C 88 32.71 -8.59 -35.43
CA THR C 88 31.82 -7.86 -34.54
C THR C 88 32.59 -6.80 -33.77
N THR C 89 33.72 -7.17 -33.19
CA THR C 89 34.51 -6.21 -32.43
C THR C 89 35.03 -5.09 -33.34
N THR C 90 35.48 -5.43 -34.55
CA THR C 90 36.01 -4.38 -35.41
C THR C 90 34.90 -3.51 -35.98
N PHE C 91 33.74 -4.05 -36.16
CA PHE C 91 32.65 -3.24 -36.62
C PHE C 91 32.32 -2.25 -35.50
N LEU C 92 32.29 -2.75 -34.28
CA LEU C 92 31.95 -1.93 -33.14
C LEU C 92 33.05 -0.90 -32.87
N MET C 93 34.30 -1.28 -33.02
CA MET C 93 35.41 -0.37 -32.83
C MET C 93 35.31 0.79 -33.79
N GLU C 94 35.00 0.50 -35.05
CA GLU C 94 34.89 1.56 -36.03
C GLU C 94 33.77 2.50 -35.69
N LEU C 95 32.64 1.93 -35.30
CA LEU C 95 31.51 2.73 -34.94
C LEU C 95 31.79 3.61 -33.73
N ALA C 96 32.47 3.08 -32.72
CA ALA C 96 32.76 3.88 -31.55
C ALA C 96 33.70 5.02 -31.93
N ARG C 97 34.69 4.69 -32.76
CA ARG C 97 35.66 5.66 -33.22
C ARG C 97 34.96 6.77 -34.00
N GLU C 98 34.03 6.42 -34.88
CA GLU C 98 33.39 7.40 -35.74
C GLU C 98 32.48 8.32 -34.93
N LEU C 99 31.75 7.77 -33.96
CA LEU C 99 30.82 8.56 -33.17
C LEU C 99 31.41 9.10 -31.88
N GLY C 100 32.59 8.62 -31.47
CA GLY C 100 33.22 9.11 -30.27
C GLY C 100 32.44 8.78 -29.02
N LEU C 101 32.10 7.51 -28.84
CA LEU C 101 31.40 7.07 -27.64
C LEU C 101 31.89 5.67 -27.29
N TYR C 102 31.37 5.15 -26.18
CA TYR C 102 31.74 3.82 -25.70
C TYR C 102 30.56 2.89 -25.89
N ILE C 103 30.85 1.65 -26.23
CA ILE C 103 29.84 0.65 -26.52
C ILE C 103 30.15 -0.60 -25.72
N VAL C 104 29.13 -1.16 -25.07
CA VAL C 104 29.15 -2.50 -24.52
C VAL C 104 28.10 -3.30 -25.29
N ALA C 105 28.49 -4.47 -25.81
CA ALA C 105 27.59 -5.22 -26.68
C ALA C 105 27.83 -6.72 -26.49
N GLY C 106 26.73 -7.48 -26.45
CA GLY C 106 26.86 -8.93 -26.35
C GLY C 106 27.11 -9.54 -27.72
N THR C 107 27.99 -10.53 -27.74
CA THR C 107 28.43 -11.13 -29.00
C THR C 107 28.90 -12.56 -28.72
N ALA C 108 28.61 -13.48 -29.64
CA ALA C 108 29.20 -14.82 -29.56
C ALA C 108 30.70 -14.70 -29.77
N GLU C 109 31.49 -15.17 -28.80
CA GLU C 109 32.94 -15.13 -28.90
C GLU C 109 33.46 -16.49 -29.34
N LYS C 110 34.14 -16.52 -30.48
CA LYS C 110 34.91 -17.69 -30.88
C LYS C 110 36.34 -17.51 -30.42
N SER C 111 36.88 -18.49 -29.71
CA SER C 111 38.25 -18.41 -29.21
C SER C 111 38.82 -19.82 -29.42
N GLY C 112 39.28 -20.07 -30.64
CA GLY C 112 39.66 -21.42 -31.02
C GLY C 112 38.43 -22.30 -31.10
N ASN C 113 38.50 -23.45 -30.43
CA ASN C 113 37.38 -24.37 -30.38
C ASN C 113 36.46 -24.12 -29.20
N TYR C 114 36.67 -23.03 -28.47
CA TYR C 114 35.81 -22.67 -27.35
C TYR C 114 34.93 -21.50 -27.74
N LEU C 115 33.65 -21.59 -27.38
CA LEU C 115 32.69 -20.53 -27.60
C LEU C 115 32.30 -19.94 -26.26
N TYR C 116 32.13 -18.62 -26.23
CA TYR C 116 31.66 -17.94 -25.03
C TYR C 116 30.51 -17.01 -25.39
N ASN C 117 29.62 -16.82 -24.42
CA ASN C 117 28.56 -15.83 -24.53
C ASN C 117 29.12 -14.57 -23.90
N SER C 118 29.57 -13.64 -24.73
CA SER C 118 30.48 -12.61 -24.27
C SER C 118 29.90 -11.22 -24.46
N ALA C 119 30.54 -10.26 -23.82
CA ALA C 119 30.28 -8.86 -24.11
C ALA C 119 31.61 -8.17 -24.37
N VAL C 120 31.65 -7.33 -25.38
CA VAL C 120 32.87 -6.62 -25.74
C VAL C 120 32.66 -5.15 -25.37
N VAL C 121 33.74 -4.51 -24.92
CA VAL C 121 33.72 -3.10 -24.59
C VAL C 121 34.70 -2.42 -25.53
N VAL C 122 34.21 -1.45 -26.29
CA VAL C 122 35.04 -0.66 -27.19
C VAL C 122 34.78 0.81 -26.92
N GLY C 123 35.78 1.64 -27.24
CA GLY C 123 35.66 3.06 -27.05
C GLY C 123 36.24 3.82 -28.22
N PRO C 124 36.27 5.16 -28.12
CA PRO C 124 36.68 5.97 -29.28
C PRO C 124 38.07 5.68 -29.79
N ARG C 125 38.94 5.07 -28.98
CA ARG C 125 40.30 4.74 -29.38
C ARG C 125 40.52 3.24 -29.54
N GLY C 126 39.45 2.45 -29.58
CA GLY C 126 39.62 1.06 -29.95
C GLY C 126 39.08 0.15 -28.88
N TYR C 127 39.59 -1.07 -28.91
CA TYR C 127 39.08 -2.13 -28.06
C TYR C 127 39.55 -1.93 -26.62
N ILE C 128 38.65 -2.18 -25.67
CA ILE C 128 38.91 -1.99 -24.26
C ILE C 128 39.00 -3.31 -23.52
N GLY C 129 38.04 -4.20 -23.74
CA GLY C 129 38.10 -5.52 -23.13
C GLY C 129 36.81 -6.28 -23.32
N LYS C 130 36.74 -7.41 -22.64
CA LYS C 130 35.63 -8.33 -22.83
C LYS C 130 35.25 -9.00 -21.52
N TYR C 131 34.03 -9.48 -21.47
CA TYR C 131 33.50 -10.24 -20.34
C TYR C 131 32.81 -11.46 -20.90
N ARG C 132 33.02 -12.61 -20.27
CA ARG C 132 32.38 -13.86 -20.66
C ARG C 132 31.35 -14.24 -19.61
N LYS C 133 30.12 -14.48 -20.07
CA LYS C 133 28.99 -14.73 -19.17
C LYS C 133 29.29 -15.88 -18.23
N ILE C 134 29.24 -15.57 -16.92
CA ILE C 134 29.60 -16.51 -15.87
C ILE C 134 28.48 -17.52 -15.63
N HIS C 135 27.24 -17.09 -15.75
CA HIS C 135 26.06 -17.90 -15.42
C HIS C 135 25.28 -18.17 -16.71
N LEU C 136 25.58 -19.28 -17.36
CA LEU C 136 24.87 -19.65 -18.57
C LEU C 136 23.44 -20.08 -18.26
N PHE C 137 22.50 -19.69 -19.13
CA PHE C 137 21.09 -19.96 -18.94
C PHE C 137 20.64 -21.04 -19.93
N TYR C 138 20.12 -22.15 -19.39
CA TYR C 138 19.39 -23.16 -20.15
C TYR C 138 20.24 -23.65 -21.32
N ARG C 139 19.81 -23.50 -22.56
CA ARG C 139 20.48 -24.16 -23.68
C ARG C 139 21.82 -23.55 -24.03
N GLU C 140 22.15 -22.39 -23.46
CA GLU C 140 23.49 -21.83 -23.64
C GLU C 140 24.55 -22.83 -23.20
N LYS C 141 24.24 -23.65 -22.18
CA LYS C 141 25.19 -24.63 -21.69
C LYS C 141 25.54 -25.70 -22.72
N VAL C 142 24.77 -25.82 -23.80
CA VAL C 142 25.14 -26.80 -24.82
C VAL C 142 26.05 -26.18 -25.88
N PHE C 143 26.02 -24.86 -26.02
CA PHE C 143 26.85 -24.16 -27.00
C PHE C 143 28.11 -23.55 -26.40
N PHE C 144 27.96 -22.80 -25.31
CA PHE C 144 29.03 -21.94 -24.81
C PHE C 144 29.74 -22.56 -23.63
N GLU C 145 31.02 -22.21 -23.47
CA GLU C 145 31.71 -22.53 -22.24
C GLU C 145 31.25 -21.56 -21.15
N PRO C 146 31.28 -21.97 -19.90
CA PRO C 146 31.03 -21.02 -18.82
C PRO C 146 32.14 -19.98 -18.77
N GLY C 147 31.76 -18.72 -18.58
CA GLY C 147 32.73 -17.65 -18.51
C GLY C 147 33.86 -17.93 -17.54
N ASP C 148 35.09 -17.55 -17.91
CA ASP C 148 36.25 -17.84 -17.08
C ASP C 148 37.09 -16.62 -16.74
N LEU C 149 36.70 -15.43 -17.16
CA LEU C 149 37.48 -14.24 -16.85
C LEU C 149 37.03 -13.54 -15.58
N GLY C 150 35.96 -13.99 -14.95
CA GLY C 150 35.41 -13.31 -13.79
C GLY C 150 34.61 -12.08 -14.19
N PHE C 151 34.22 -11.34 -13.16
CA PHE C 151 33.48 -10.09 -13.32
C PHE C 151 34.45 -8.94 -13.38
N LYS C 152 34.39 -8.18 -14.46
CA LYS C 152 35.39 -7.18 -14.77
C LYS C 152 34.78 -5.79 -14.82
N VAL C 153 35.55 -4.81 -14.37
CA VAL C 153 35.17 -3.41 -14.47
C VAL C 153 36.15 -2.75 -15.42
N PHE C 154 35.62 -1.95 -16.33
CA PHE C 154 36.42 -1.28 -17.34
C PHE C 154 36.38 0.22 -17.13
N ASP C 155 37.53 0.87 -17.33
CA ASP C 155 37.62 2.31 -17.20
C ASP C 155 37.32 2.93 -18.55
N ILE C 156 36.30 3.79 -18.59
CA ILE C 156 36.00 4.51 -19.83
C ILE C 156 36.12 6.00 -19.55
N GLY C 157 37.07 6.35 -18.68
CA GLY C 157 37.39 7.74 -18.45
C GLY C 157 36.41 8.45 -17.56
N PHE C 158 35.21 8.73 -18.07
CA PHE C 158 34.22 9.40 -17.26
C PHE C 158 33.52 8.48 -16.27
N ALA C 159 33.69 7.16 -16.38
CA ALA C 159 33.01 6.23 -15.50
C ALA C 159 33.76 4.92 -15.45
N LYS C 160 33.53 4.18 -14.37
CA LYS C 160 33.92 2.77 -14.27
C LYS C 160 32.69 1.93 -14.57
N VAL C 161 32.78 1.07 -15.58
CA VAL C 161 31.64 0.30 -16.06
C VAL C 161 31.92 -1.18 -15.82
N GLY C 162 31.07 -1.81 -15.00
CA GLY C 162 31.06 -3.24 -14.94
C GLY C 162 30.12 -3.80 -15.97
N VAL C 163 30.35 -5.06 -16.35
CA VAL C 163 29.56 -5.74 -17.37
C VAL C 163 29.09 -7.07 -16.82
N MET C 164 27.80 -7.34 -16.99
CA MET C 164 27.26 -8.67 -16.76
C MET C 164 26.22 -8.91 -17.85
N ILE C 165 25.86 -10.17 -18.06
CA ILE C 165 25.04 -10.55 -19.21
C ILE C 165 23.81 -11.29 -18.73
N ALA C 166 22.64 -10.79 -19.13
CA ALA C 166 21.35 -11.43 -18.90
C ALA C 166 21.28 -12.14 -17.55
N PHE C 167 21.28 -13.48 -17.58
CA PHE C 167 21.02 -14.32 -16.41
C PHE C 167 21.94 -14.02 -15.23
N ASP C 168 23.07 -13.34 -15.45
CA ASP C 168 23.88 -12.88 -14.33
C ASP C 168 23.07 -12.07 -13.35
N TRP C 169 21.99 -11.40 -13.82
CA TRP C 169 21.22 -10.56 -12.89
C TRP C 169 20.59 -11.40 -11.78
N PHE C 170 20.27 -12.65 -12.08
CA PHE C 170 19.54 -13.48 -11.14
C PHE C 170 20.35 -13.74 -9.88
N PHE C 171 21.67 -13.73 -10.01
CA PHE C 171 22.57 -14.00 -8.91
C PHE C 171 23.01 -12.66 -8.37
N PRO C 172 22.57 -12.24 -7.18
CA PRO C 172 22.98 -10.92 -6.67
C PRO C 172 24.48 -10.75 -6.63
N GLU C 173 25.22 -11.86 -6.51
CA GLU C 173 26.67 -11.81 -6.44
C GLU C 173 27.32 -11.21 -7.69
N SER C 174 26.63 -11.26 -8.85
CA SER C 174 27.22 -10.69 -10.06
C SER C 174 27.32 -9.18 -9.98
N ALA C 175 26.19 -8.51 -9.74
CA ALA C 175 26.22 -7.05 -9.59
C ALA C 175 27.02 -6.64 -8.37
N ARG C 176 26.95 -7.43 -7.29
CA ARG C 176 27.68 -7.11 -6.07
C ARG C 176 29.18 -7.12 -6.31
N THR C 177 29.67 -8.17 -6.97
CA THR C 177 31.09 -8.26 -7.29
C THR C 177 31.53 -7.11 -8.19
N LEU C 178 30.75 -6.79 -9.23
CA LEU C 178 31.08 -5.64 -10.06
C LEU C 178 31.16 -4.36 -9.24
N ALA C 179 30.13 -4.13 -8.42
CA ALA C 179 30.11 -2.89 -7.65
C ALA C 179 31.27 -2.84 -6.65
N LEU C 180 31.62 -3.97 -6.06
CA LEU C 180 32.73 -4.01 -5.11
C LEU C 180 34.06 -3.77 -5.81
N LYS C 181 34.14 -4.07 -7.10
CA LYS C 181 35.33 -3.75 -7.88
C LYS C 181 35.33 -2.31 -8.37
N GLY C 182 34.33 -1.51 -8.02
CA GLY C 182 34.30 -0.12 -8.36
C GLY C 182 33.35 0.26 -9.48
N ALA C 183 32.53 -0.66 -9.96
CA ALA C 183 31.60 -0.32 -11.02
C ALA C 183 30.65 0.78 -10.55
N GLU C 184 30.54 1.83 -11.36
CA GLU C 184 29.56 2.88 -11.13
C GLU C 184 28.33 2.70 -11.99
N ILE C 185 28.53 2.15 -13.18
CA ILE C 185 27.48 1.75 -14.10
C ILE C 185 27.66 0.26 -14.36
N ILE C 186 26.57 -0.48 -14.31
CA ILE C 186 26.60 -1.87 -14.76
C ILE C 186 25.90 -1.90 -16.11
N ALA C 187 26.68 -2.14 -17.16
CA ALA C 187 26.15 -2.39 -18.49
C ALA C 187 25.70 -3.84 -18.58
N HIS C 188 24.48 -4.05 -19.03
CA HIS C 188 23.79 -5.33 -18.89
C HIS C 188 23.12 -5.73 -20.19
N PRO C 189 23.89 -6.19 -21.18
CA PRO C 189 23.27 -6.83 -22.36
C PRO C 189 22.43 -8.01 -21.94
N ALA C 190 21.23 -8.10 -22.51
CA ALA C 190 20.29 -9.14 -22.10
C ALA C 190 19.45 -9.61 -23.27
N ASN C 191 19.15 -10.92 -23.27
CA ASN C 191 18.07 -11.52 -24.06
C ASN C 191 17.11 -12.13 -23.04
N LEU C 192 16.22 -11.31 -22.48
CA LEU C 192 15.37 -11.74 -21.37
C LEU C 192 14.16 -12.52 -21.84
N VAL C 193 13.94 -13.69 -21.23
CA VAL C 193 12.76 -14.48 -21.47
C VAL C 193 11.86 -14.56 -20.24
N MET C 194 12.45 -14.57 -19.03
CA MET C 194 11.67 -14.54 -17.81
C MET C 194 11.08 -13.14 -17.60
N PRO C 195 10.03 -13.01 -16.80
CA PRO C 195 9.39 -11.70 -16.60
C PRO C 195 10.04 -10.81 -15.53
N TYR C 196 11.06 -11.29 -14.82
CA TYR C 196 11.42 -10.69 -13.55
C TYR C 196 12.40 -9.53 -13.65
N ALA C 197 13.34 -9.57 -14.60
CA ALA C 197 14.46 -8.63 -14.54
C ALA C 197 14.06 -7.16 -14.44
N PRO C 198 13.03 -6.66 -15.12
CA PRO C 198 12.65 -5.25 -14.92
C PRO C 198 12.28 -4.91 -13.49
N ARG C 199 11.73 -5.86 -12.73
CA ARG C 199 11.45 -5.61 -11.32
C ARG C 199 12.71 -5.75 -10.48
N ALA C 200 13.64 -6.58 -10.91
CA ALA C 200 14.81 -6.87 -10.09
C ALA C 200 15.96 -5.90 -10.30
N MET C 201 16.08 -5.31 -11.49
CA MET C 201 17.22 -4.43 -11.75
C MET C 201 17.22 -3.16 -10.89
N PRO C 202 16.10 -2.48 -10.63
CA PRO C 202 16.17 -1.35 -9.68
C PRO C 202 16.67 -1.77 -8.32
N ILE C 203 16.45 -3.02 -7.92
CA ILE C 203 16.95 -3.50 -6.63
C ILE C 203 18.46 -3.75 -6.71
N ARG C 204 18.93 -4.33 -7.82
CA ARG C 204 20.36 -4.49 -8.02
C ARG C 204 21.06 -3.14 -8.01
N ALA C 205 20.46 -2.15 -8.67
CA ALA C 205 21.00 -0.80 -8.64
C ALA C 205 21.02 -0.25 -7.22
N LEU C 206 19.89 -0.39 -6.51
CA LEU C 206 19.78 0.18 -5.18
C LEU C 206 20.74 -0.49 -4.20
N GLU C 207 20.79 -1.83 -4.19
CA GLU C 207 21.57 -2.52 -3.16
C GLU C 207 23.07 -2.32 -3.35
N ASN C 208 23.50 -1.93 -4.54
CA ASN C 208 24.91 -1.61 -4.79
C ASN C 208 25.14 -0.13 -4.99
N ARG C 209 24.08 0.67 -4.97
CA ARG C 209 24.10 2.09 -5.31
C ARG C 209 24.94 2.32 -6.57
N VAL C 210 24.52 1.65 -7.64
CA VAL C 210 25.08 1.84 -8.97
C VAL C 210 23.94 2.18 -9.91
N TYR C 211 24.30 2.64 -11.10
CA TYR C 211 23.37 2.70 -12.20
C TYR C 211 23.45 1.40 -12.96
N THR C 212 22.31 0.95 -13.48
CA THR C 212 22.25 -0.23 -14.32
C THR C 212 21.58 0.12 -15.64
N ILE C 213 22.14 -0.41 -16.73
CA ILE C 213 21.62 -0.23 -18.07
C ILE C 213 21.40 -1.62 -18.63
N THR C 214 20.14 -2.05 -18.68
CA THR C 214 19.79 -3.34 -19.22
C THR C 214 19.27 -3.14 -20.65
N ALA C 215 20.06 -3.58 -21.62
CA ALA C 215 19.67 -3.56 -23.03
C ALA C 215 19.11 -4.93 -23.37
N ASP C 216 17.79 -5.01 -23.45
CA ASP C 216 17.15 -6.25 -23.86
C ASP C 216 16.89 -6.23 -25.35
N ARG C 217 16.79 -7.42 -25.91
CA ARG C 217 16.30 -7.55 -27.28
C ARG C 217 14.78 -7.69 -27.25
N VAL C 218 14.17 -7.64 -28.43
CA VAL C 218 12.74 -7.89 -28.55
C VAL C 218 12.54 -9.05 -29.51
N GLY C 219 11.28 -9.42 -29.71
CA GLY C 219 10.90 -10.31 -30.79
C GLY C 219 10.67 -11.75 -30.34
N GLU C 220 10.13 -12.53 -31.26
CA GLU C 220 10.09 -13.98 -31.12
C GLU C 220 11.12 -14.60 -32.05
N GLU C 221 11.81 -15.63 -31.57
CA GLU C 221 12.92 -16.23 -32.32
C GLU C 221 12.80 -17.75 -32.22
N ARG C 222 12.36 -18.38 -33.31
CA ARG C 222 12.16 -19.82 -33.36
C ARG C 222 11.30 -20.29 -32.18
N GLY C 223 10.22 -19.57 -31.94
CA GLY C 223 9.29 -19.90 -30.88
C GLY C 223 9.59 -19.26 -29.54
N LEU C 224 10.79 -18.73 -29.34
CA LEU C 224 11.17 -18.15 -28.05
C LEU C 224 10.86 -16.67 -28.04
N LYS C 225 10.16 -16.22 -27.00
CA LYS C 225 9.71 -14.84 -26.89
C LYS C 225 10.59 -14.08 -25.91
N PHE C 226 11.12 -12.94 -26.35
CA PHE C 226 11.87 -12.05 -25.49
C PHE C 226 10.97 -10.90 -25.05
N ILE C 227 11.25 -10.36 -23.86
CA ILE C 227 10.27 -9.50 -23.19
C ILE C 227 10.52 -8.02 -23.42
N GLY C 228 11.61 -7.65 -24.10
CA GLY C 228 11.91 -6.24 -24.25
C GLY C 228 12.12 -5.61 -22.89
N LYS C 229 11.47 -4.46 -22.67
CA LYS C 229 11.51 -3.74 -21.41
C LYS C 229 12.94 -3.47 -20.95
N SER C 230 13.80 -3.10 -21.90
CA SER C 230 15.08 -2.51 -21.55
C SER C 230 14.87 -1.36 -20.58
N LEU C 231 15.80 -1.18 -19.66
CA LEU C 231 15.54 -0.16 -18.65
C LEU C 231 16.83 0.31 -18.02
N ILE C 232 16.83 1.56 -17.57
CA ILE C 232 17.93 2.16 -16.83
C ILE C 232 17.43 2.46 -15.42
N ALA C 233 18.17 1.98 -14.42
CA ALA C 233 17.79 2.16 -13.03
C ALA C 233 18.85 2.96 -12.30
N SER C 234 18.42 3.74 -11.35
CA SER C 234 19.32 4.60 -10.60
C SER C 234 19.69 3.96 -9.26
N PRO C 235 20.74 4.48 -8.61
CA PRO C 235 21.11 3.97 -7.28
C PRO C 235 20.03 4.14 -6.22
N LYS C 236 18.96 4.88 -6.50
CA LYS C 236 17.81 4.98 -5.62
C LYS C 236 16.64 4.15 -6.10
N ALA C 237 16.92 3.14 -6.93
CA ALA C 237 15.93 2.22 -7.46
C ALA C 237 14.89 2.94 -8.32
N GLU C 238 15.26 4.09 -8.87
CA GLU C 238 14.37 4.81 -9.78
C GLU C 238 14.53 4.24 -11.18
N VAL C 239 13.41 3.96 -11.83
CA VAL C 239 13.42 3.54 -13.22
C VAL C 239 13.48 4.80 -14.07
N LEU C 240 14.69 5.19 -14.50
CA LEU C 240 14.87 6.43 -15.25
C LEU C 240 14.37 6.31 -16.68
N SER C 241 14.33 5.10 -17.23
CA SER C 241 13.85 4.89 -18.58
C SER C 241 13.55 3.40 -18.72
N ILE C 242 12.45 3.08 -19.40
CA ILE C 242 12.09 1.69 -19.65
C ILE C 242 11.44 1.60 -21.03
N ALA C 243 11.76 0.53 -21.75
CA ALA C 243 11.38 0.36 -23.15
C ALA C 243 10.10 -0.46 -23.29
N SER C 244 9.60 -0.53 -24.52
CA SER C 244 8.41 -1.31 -24.83
C SER C 244 8.71 -2.79 -24.73
N GLU C 245 7.64 -3.60 -24.75
CA GLU C 245 7.84 -5.04 -24.77
C GLU C 245 8.30 -5.53 -26.13
N THR C 246 7.87 -4.90 -27.22
CA THR C 246 8.05 -5.47 -28.55
C THR C 246 8.82 -4.62 -29.53
N GLU C 247 8.95 -3.31 -29.31
CA GLU C 247 9.47 -2.44 -30.35
C GLU C 247 10.97 -2.25 -30.22
N GLU C 248 11.62 -2.12 -31.37
CA GLU C 248 12.99 -1.62 -31.38
C GLU C 248 12.99 -0.14 -31.04
N GLU C 249 13.85 0.25 -30.12
CA GLU C 249 13.88 1.64 -29.67
C GLU C 249 15.17 1.86 -28.90
N ILE C 250 15.44 3.13 -28.64
CA ILE C 250 16.57 3.52 -27.82
C ILE C 250 16.03 4.22 -26.59
N GLY C 251 16.88 4.30 -25.57
CA GLY C 251 16.56 5.07 -24.40
C GLY C 251 17.82 5.69 -23.85
N VAL C 252 17.86 7.01 -23.74
CA VAL C 252 19.03 7.74 -23.30
C VAL C 252 18.62 8.69 -22.19
N VAL C 253 19.37 8.67 -21.09
CA VAL C 253 19.12 9.53 -19.96
C VAL C 253 20.44 10.05 -19.41
N GLU C 254 20.37 11.18 -18.72
CA GLU C 254 21.54 11.77 -18.10
C GLU C 254 21.61 11.33 -16.65
N ILE C 255 22.74 10.74 -16.26
CA ILE C 255 22.90 10.20 -14.93
C ILE C 255 23.96 10.99 -14.19
N ASP C 256 23.85 11.02 -12.86
CA ASP C 256 24.78 11.72 -11.99
C ASP C 256 25.66 10.67 -11.32
N LEU C 257 26.92 10.58 -11.73
CA LEU C 257 27.78 9.51 -11.24
C LEU C 257 28.18 9.69 -9.79
N ASN C 258 28.02 10.89 -9.23
CA ASN C 258 28.26 11.05 -7.80
C ASN C 258 27.27 10.22 -6.97
N LEU C 259 26.06 10.01 -7.49
CA LEU C 259 25.09 9.17 -6.78
C LEU C 259 25.52 7.71 -6.74
N ALA C 260 26.36 7.28 -7.68
CA ALA C 260 26.90 5.93 -7.62
C ALA C 260 28.18 5.85 -6.80
N ARG C 261 28.95 6.93 -6.75
CA ARG C 261 30.21 6.89 -6.02
C ARG C 261 30.01 7.00 -4.52
N ASN C 262 28.96 7.68 -4.08
CA ASN C 262 28.67 7.83 -2.66
C ASN C 262 27.83 6.64 -2.20
N LYS C 263 28.43 5.78 -1.38
CA LYS C 263 27.74 4.63 -0.83
C LYS C 263 27.13 4.89 0.55
N ARG C 264 27.10 6.14 0.98
CA ARG C 264 26.56 6.45 2.30
C ARG C 264 25.05 6.57 2.22
N LEU C 265 24.35 5.81 3.05
CA LEU C 265 22.92 6.05 3.24
C LEU C 265 22.71 7.17 4.25
N ASN C 266 23.60 7.30 5.22
CA ASN C 266 23.51 8.32 6.25
C ASN C 266 24.86 8.36 6.95
N ASP C 267 24.96 9.22 7.97
CA ASP C 267 26.24 9.42 8.65
C ASP C 267 26.78 8.15 9.28
N MET C 268 25.95 7.16 9.54
CA MET C 268 26.38 5.98 10.26
C MET C 268 26.30 4.70 9.44
N ASN C 269 25.88 4.79 8.18
CA ASN C 269 25.66 3.62 7.33
C ASN C 269 26.27 3.86 5.96
N ASP C 270 27.36 3.16 5.65
CA ASP C 270 27.93 3.10 4.31
C ASP C 270 27.71 1.69 3.80
N ILE C 271 26.98 1.55 2.69
CA ILE C 271 26.52 0.23 2.33
C ILE C 271 27.68 -0.74 2.10
N PHE C 272 28.85 -0.23 1.68
CA PHE C 272 29.99 -1.12 1.49
C PHE C 272 30.76 -1.34 2.80
N LYS C 273 30.98 -0.28 3.58
CA LYS C 273 31.67 -0.49 4.85
C LYS C 273 30.83 -1.25 5.86
N ASP C 274 29.49 -1.28 5.71
CA ASP C 274 28.65 -2.00 6.65
C ASP C 274 28.57 -3.48 6.36
N ARG C 275 29.06 -3.92 5.19
CA ARG C 275 29.12 -5.34 4.90
C ARG C 275 30.00 -6.04 5.93
N ARG C 276 29.58 -7.25 6.29
CA ARG C 276 30.24 -8.09 7.30
C ARG C 276 30.43 -9.48 6.69
N GLU C 277 31.47 -9.59 5.84
CA GLU C 277 31.72 -10.79 5.05
C GLU C 277 31.93 -12.02 5.92
N GLU C 278 32.43 -11.84 7.15
CA GLU C 278 32.66 -12.96 8.05
C GLU C 278 31.39 -13.73 8.38
N TYR C 279 30.22 -13.16 8.11
CA TYR C 279 28.95 -13.82 8.36
C TYR C 279 28.22 -14.22 7.08
N TYR C 280 28.91 -14.06 5.95
CA TYR C 280 28.29 -14.40 4.74
C TYR C 280 28.76 -15.72 4.18
N PHE C 281 27.84 -16.52 3.65
CA PHE C 281 28.06 -17.79 3.04
C PHE C 281 28.76 -18.82 3.92
N ARG C 282 28.50 -18.75 5.23
CA ARG C 282 29.06 -19.59 6.29
C ARG C 282 28.53 -19.19 7.67
N SER D 19 2.39 -32.92 5.42
CA SER D 19 2.03 -32.00 4.34
C SER D 19 3.16 -31.02 4.02
N HIS D 20 3.15 -30.49 2.81
CA HIS D 20 4.06 -29.43 2.40
C HIS D 20 3.37 -28.09 2.23
N MET D 21 2.07 -28.01 2.46
CA MET D 21 1.32 -26.76 2.51
C MET D 21 1.21 -26.32 3.96
N VAL D 22 1.36 -25.02 4.22
CA VAL D 22 1.22 -24.53 5.59
C VAL D 22 0.86 -23.05 5.53
N LYS D 23 0.04 -22.62 6.50
CA LYS D 23 -0.31 -21.22 6.61
C LYS D 23 0.68 -20.49 7.52
N VAL D 24 1.09 -19.31 7.09
CA VAL D 24 2.08 -18.49 7.78
C VAL D 24 1.58 -17.05 7.70
N GLY D 25 2.08 -16.22 8.60
CA GLY D 25 1.56 -14.86 8.61
C GLY D 25 2.50 -13.86 9.24
N TYR D 26 2.29 -12.60 8.89
CA TYR D 26 2.90 -11.51 9.64
C TYR D 26 1.89 -10.89 10.58
N ILE D 27 2.42 -10.28 11.63
CA ILE D 27 1.65 -9.46 12.56
C ILE D 27 2.15 -8.03 12.39
N GLN D 28 1.33 -7.17 11.82
CA GLN D 28 1.66 -5.75 11.68
C GLN D 28 1.02 -4.99 12.84
N MET D 29 1.83 -4.49 13.76
CA MET D 29 1.30 -3.83 14.94
C MET D 29 2.06 -2.53 15.15
N GLU D 30 1.56 -1.73 16.10
CA GLU D 30 2.17 -0.44 16.40
C GLU D 30 2.68 -0.50 17.83
N PRO D 31 3.94 -0.88 18.04
CA PRO D 31 4.46 -0.92 19.41
C PRO D 31 4.45 0.48 20.01
N LYS D 32 4.13 0.54 21.29
CA LYS D 32 4.25 1.78 22.06
C LYS D 32 5.57 1.76 22.82
N ILE D 33 6.39 2.77 22.58
CA ILE D 33 7.76 2.72 23.04
C ILE D 33 7.79 2.61 24.56
N LEU D 34 8.67 1.73 25.06
CA LEU D 34 8.91 1.42 26.47
C LEU D 34 7.74 0.73 27.18
N GLU D 35 6.65 0.39 26.48
CA GLU D 35 5.45 -0.09 27.16
C GLU D 35 5.30 -1.60 26.89
N LEU D 36 6.12 -2.39 27.57
CA LEU D 36 6.19 -3.83 27.33
C LEU D 36 4.80 -4.48 27.40
N ASP D 37 4.06 -4.18 28.46
CA ASP D 37 2.79 -4.87 28.70
C ASP D 37 1.76 -4.54 27.64
N LYS D 38 1.69 -3.27 27.21
CA LYS D 38 0.75 -2.91 26.16
C LYS D 38 1.09 -3.64 24.88
N ASN D 39 2.39 -3.79 24.60
CA ASN D 39 2.84 -4.45 23.38
C ASN D 39 2.65 -5.96 23.46
N TYR D 40 2.90 -6.57 24.62
CA TYR D 40 2.52 -7.98 24.79
C TYR D 40 1.03 -8.15 24.54
N SER D 41 0.20 -7.30 25.14
CA SER D 41 -1.25 -7.41 24.98
C SER D 41 -1.65 -7.24 23.52
N LYS D 42 -1.05 -6.29 22.82
CA LYS D 42 -1.37 -6.10 21.41
C LYS D 42 -0.89 -7.27 20.57
N ALA D 43 0.33 -7.74 20.83
CA ALA D 43 0.86 -8.88 20.10
C ALA D 43 0.00 -10.11 20.32
N GLU D 44 -0.45 -10.32 21.57
CA GLU D 44 -1.29 -11.50 21.85
C GLU D 44 -2.61 -11.44 21.10
N LYS D 45 -3.25 -10.27 21.05
CA LYS D 45 -4.53 -10.14 20.38
C LYS D 45 -4.41 -10.48 18.89
N LEU D 46 -3.41 -9.89 18.24
CA LEU D 46 -3.26 -10.10 16.81
C LEU D 46 -2.79 -11.52 16.50
N ILE D 47 -1.90 -12.08 17.33
CA ILE D 47 -1.46 -13.45 17.09
C ILE D 47 -2.62 -14.42 17.24
N LYS D 48 -3.49 -14.19 18.22
CA LYS D 48 -4.69 -15.04 18.33
C LYS D 48 -5.57 -14.91 17.10
N GLU D 49 -5.72 -13.70 16.55
CA GLU D 49 -6.45 -13.55 15.30
C GLU D 49 -5.80 -14.37 14.19
N ALA D 50 -4.47 -14.31 14.10
CA ALA D 50 -3.74 -15.04 13.07
C ALA D 50 -3.91 -16.55 13.27
N SER D 51 -3.86 -16.99 14.53
CA SER D 51 -4.01 -18.41 14.80
C SER D 51 -5.39 -18.90 14.37
N LYS D 52 -6.42 -18.06 14.53
CA LYS D 52 -7.77 -18.44 14.15
C LYS D 52 -7.94 -18.47 12.64
N GLU D 53 -7.03 -17.85 11.90
CA GLU D 53 -6.97 -18.00 10.45
C GLU D 53 -6.12 -19.20 10.04
N GLY D 54 -5.67 -20.01 10.99
CA GLY D 54 -4.94 -21.22 10.67
C GLY D 54 -3.43 -21.08 10.63
N ALA D 55 -2.90 -19.89 10.92
CA ALA D 55 -1.46 -19.68 10.85
C ALA D 55 -0.72 -20.64 11.78
N LYS D 56 0.32 -21.28 11.25
CA LYS D 56 1.19 -22.13 12.05
C LYS D 56 2.53 -21.50 12.33
N LEU D 57 2.87 -20.42 11.63
CA LEU D 57 4.04 -19.61 11.89
C LEU D 57 3.63 -18.15 11.77
N VAL D 58 3.96 -17.34 12.79
CA VAL D 58 3.67 -15.92 12.73
C VAL D 58 4.95 -15.15 13.03
N VAL D 59 5.09 -14.00 12.40
CA VAL D 59 6.25 -13.13 12.61
C VAL D 59 5.78 -11.79 13.12
N LEU D 60 6.40 -11.33 14.21
CA LEU D 60 6.18 -10.03 14.81
C LEU D 60 7.25 -9.04 14.36
N PRO D 61 7.00 -7.74 14.49
CA PRO D 61 7.99 -6.76 14.04
C PRO D 61 9.26 -6.75 14.87
N GLU D 62 10.27 -6.11 14.30
CA GLU D 62 11.49 -5.76 15.00
C GLU D 62 11.15 -5.00 16.27
N LEU D 63 11.84 -5.35 17.37
CA LEU D 63 11.70 -4.63 18.65
C LEU D 63 10.23 -4.38 18.98
N PHE D 64 9.41 -5.43 18.85
CA PHE D 64 7.98 -5.25 19.04
C PHE D 64 7.67 -4.93 20.48
N ASP D 65 8.52 -5.37 21.39
CA ASP D 65 8.21 -5.27 22.81
C ASP D 65 8.60 -3.92 23.37
N THR D 66 9.71 -3.35 22.90
CA THR D 66 10.24 -2.11 23.44
C THR D 66 9.91 -0.88 22.61
N GLY D 67 9.54 -1.04 21.34
CA GLY D 67 9.58 0.08 20.42
C GLY D 67 11.01 0.34 19.97
N TYR D 68 11.17 1.41 19.19
CA TYR D 68 12.37 1.59 18.38
C TYR D 68 13.15 2.88 18.67
N ASN D 69 12.47 4.03 18.66
CA ASN D 69 13.17 5.31 18.47
C ASN D 69 13.63 5.89 19.81
N PHE D 70 14.58 5.21 20.42
CA PHE D 70 15.02 5.58 21.76
C PHE D 70 15.76 6.90 21.75
N GLU D 71 15.66 7.62 22.86
CA GLU D 71 16.45 8.83 23.01
C GLU D 71 17.84 8.53 23.54
N SER D 72 17.97 7.48 24.35
CA SER D 72 19.24 7.12 24.96
C SER D 72 19.30 5.61 25.14
N ARG D 73 20.53 5.10 25.24
CA ARG D 73 20.72 3.69 25.54
C ARG D 73 20.09 3.29 26.86
N GLU D 74 20.10 4.19 27.85
CA GLU D 74 19.49 3.87 29.14
C GLU D 74 18.01 3.57 28.98
N GLU D 75 17.33 4.31 28.11
CA GLU D 75 15.91 4.08 27.87
C GLU D 75 15.65 2.63 27.48
N VAL D 76 16.42 2.11 26.53
CA VAL D 76 16.20 0.75 26.10
C VAL D 76 16.81 -0.25 27.09
N PHE D 77 17.96 0.09 27.69
CA PHE D 77 18.56 -0.84 28.63
C PHE D 77 17.64 -1.16 29.81
N ASP D 78 16.84 -0.17 30.24
CA ASP D 78 15.97 -0.33 31.39
C ASP D 78 14.78 -1.25 31.13
N VAL D 79 14.44 -1.51 29.87
CA VAL D 79 13.32 -2.38 29.58
C VAL D 79 13.72 -3.64 28.83
N ALA D 80 14.94 -3.76 28.32
CA ALA D 80 15.36 -4.89 27.56
C ALA D 80 15.41 -6.13 28.43
N GLN D 81 15.06 -7.26 27.84
CA GLN D 81 14.90 -8.50 28.51
C GLN D 81 15.86 -9.54 28.06
N GLN D 82 16.35 -10.40 28.93
CA GLN D 82 17.31 -11.41 28.51
C GLN D 82 16.60 -12.52 27.77
N ILE D 83 17.31 -13.22 26.93
CA ILE D 83 16.74 -14.31 26.21
C ILE D 83 17.39 -15.60 26.68
N PRO D 84 16.65 -16.66 26.99
CA PRO D 84 15.24 -16.97 27.03
C PRO D 84 14.50 -16.76 28.32
N GLU D 85 15.19 -16.33 29.38
CA GLU D 85 14.51 -16.24 30.68
C GLU D 85 13.61 -15.02 30.80
N GLY D 86 13.85 -13.96 30.03
CA GLY D 86 13.16 -12.70 30.19
C GLY D 86 11.69 -12.75 29.81
N GLU D 87 11.03 -11.61 30.00
CA GLU D 87 9.57 -11.58 29.93
C GLU D 87 9.07 -11.69 28.50
N THR D 88 9.80 -11.14 27.54
CA THR D 88 9.33 -11.24 26.15
C THR D 88 9.36 -12.69 25.68
N THR D 89 10.47 -13.38 25.87
CA THR D 89 10.52 -14.79 25.47
C THR D 89 9.53 -15.62 26.26
N THR D 90 9.42 -15.37 27.58
CA THR D 90 8.46 -16.09 28.42
C THR D 90 7.04 -15.92 27.88
N PHE D 91 6.68 -14.68 27.53
CA PHE D 91 5.33 -14.41 27.03
C PHE D 91 5.07 -15.16 25.73
N LEU D 92 6.02 -15.09 24.80
CA LEU D 92 5.83 -15.74 23.51
C LEU D 92 5.82 -17.26 23.64
N MET D 93 6.62 -17.82 24.55
CA MET D 93 6.61 -19.26 24.77
C MET D 93 5.24 -19.73 25.22
N GLU D 94 4.64 -19.03 26.19
CA GLU D 94 3.31 -19.44 26.66
C GLU D 94 2.27 -19.29 25.56
N LEU D 95 2.35 -18.20 24.78
CA LEU D 95 1.44 -18.03 23.67
C LEU D 95 1.62 -19.12 22.61
N ALA D 96 2.86 -19.47 22.32
CA ALA D 96 3.10 -20.51 21.31
C ALA D 96 2.63 -21.86 21.81
N ARG D 97 2.85 -22.15 23.10
CA ARG D 97 2.38 -23.42 23.67
C ARG D 97 0.86 -23.49 23.64
N GLU D 98 0.20 -22.42 24.09
CA GLU D 98 -1.26 -22.38 24.11
C GLU D 98 -1.84 -22.57 22.71
N LEU D 99 -1.29 -21.87 21.72
CA LEU D 99 -1.91 -21.80 20.40
C LEU D 99 -1.44 -22.88 19.43
N GLY D 100 -0.35 -23.58 19.75
CA GLY D 100 0.18 -24.58 18.84
C GLY D 100 0.78 -24.02 17.57
N LEU D 101 1.53 -22.93 17.68
CA LEU D 101 2.18 -22.35 16.51
C LEU D 101 3.58 -21.89 16.88
N TYR D 102 4.34 -21.53 15.86
CA TYR D 102 5.68 -20.99 16.02
C TYR D 102 5.63 -19.48 15.85
N ILE D 103 6.46 -18.78 16.62
CA ILE D 103 6.53 -17.33 16.61
C ILE D 103 7.98 -16.91 16.42
N VAL D 104 8.20 -15.98 15.50
CA VAL D 104 9.45 -15.25 15.38
C VAL D 104 9.15 -13.79 15.68
N ALA D 105 9.91 -13.19 16.59
CA ALA D 105 9.57 -11.86 17.07
C ALA D 105 10.83 -11.05 17.31
N GLY D 106 10.81 -9.79 16.92
CA GLY D 106 11.89 -8.86 17.27
C GLY D 106 11.79 -8.43 18.71
N THR D 107 12.94 -8.38 19.38
CA THR D 107 12.94 -8.02 20.79
C THR D 107 14.29 -7.41 21.12
N ALA D 108 14.30 -6.41 22.01
CA ALA D 108 15.56 -5.89 22.51
C ALA D 108 16.12 -6.90 23.50
N GLU D 109 17.33 -7.39 23.22
CA GLU D 109 17.93 -8.43 24.05
C GLU D 109 18.97 -7.81 24.96
N LYS D 110 18.78 -7.97 26.26
CA LYS D 110 19.82 -7.68 27.23
C LYS D 110 20.64 -8.94 27.43
N SER D 111 21.96 -8.81 27.37
CA SER D 111 22.86 -9.94 27.57
C SER D 111 24.05 -9.42 28.39
N GLY D 112 24.01 -9.67 29.70
CA GLY D 112 25.00 -9.02 30.55
C GLY D 112 24.76 -7.53 30.50
N ASN D 113 25.84 -6.78 30.22
CA ASN D 113 25.76 -5.33 30.09
C ASN D 113 25.57 -4.88 28.64
N TYR D 114 25.34 -5.82 27.74
CA TYR D 114 25.24 -5.50 26.32
C TYR D 114 23.79 -5.59 25.87
N LEU D 115 23.47 -4.86 24.81
CA LEU D 115 22.16 -4.89 24.19
C LEU D 115 22.31 -5.37 22.76
N TYR D 116 21.42 -6.25 22.35
CA TYR D 116 21.35 -6.66 20.95
C TYR D 116 19.94 -6.36 20.44
N ASN D 117 19.88 -6.13 19.14
CA ASN D 117 18.62 -5.98 18.41
C ASN D 117 18.37 -7.37 17.83
N SER D 118 17.49 -8.12 18.46
CA SER D 118 17.42 -9.55 18.24
C SER D 118 16.04 -9.97 17.79
N ALA D 119 15.97 -11.25 17.46
CA ALA D 119 14.72 -11.92 17.15
C ALA D 119 14.74 -13.27 17.86
N VAL D 120 13.62 -13.64 18.47
CA VAL D 120 13.50 -14.91 19.17
C VAL D 120 12.59 -15.82 18.36
N VAL D 121 12.94 -17.10 18.36
CA VAL D 121 12.14 -18.14 17.72
C VAL D 121 11.63 -19.03 18.84
N VAL D 122 10.32 -19.15 18.95
CA VAL D 122 9.72 -20.05 19.92
C VAL D 122 8.71 -20.94 19.22
N GLY D 123 8.44 -22.07 19.85
CA GLY D 123 7.48 -23.02 19.35
C GLY D 123 6.65 -23.61 20.45
N PRO D 124 5.73 -24.51 20.10
CA PRO D 124 4.82 -25.08 21.12
C PRO D 124 5.55 -25.81 22.22
N ARG D 125 6.77 -26.28 21.97
CA ARG D 125 7.52 -27.00 22.99
C ARG D 125 8.57 -26.14 23.68
N GLY D 126 8.66 -24.84 23.36
CA GLY D 126 9.47 -23.92 24.13
C GLY D 126 10.35 -23.06 23.25
N TYR D 127 11.41 -22.53 23.86
CA TYR D 127 12.35 -21.68 23.17
C TYR D 127 13.17 -22.49 22.16
N ILE D 128 13.39 -21.93 20.98
CA ILE D 128 14.11 -22.61 19.92
C ILE D 128 15.47 -21.98 19.65
N GLY D 129 15.52 -20.65 19.61
CA GLY D 129 16.78 -19.99 19.33
C GLY D 129 16.57 -18.50 19.10
N LYS D 130 17.67 -17.83 18.79
CA LYS D 130 17.67 -16.39 18.59
C LYS D 130 18.62 -16.00 17.47
N TYR D 131 18.38 -14.80 16.93
CA TYR D 131 19.22 -14.19 15.94
C TYR D 131 19.49 -12.75 16.37
N ARG D 132 20.72 -12.29 16.23
CA ARG D 132 21.11 -10.92 16.56
C ARG D 132 21.38 -10.13 15.30
N LYS D 133 20.72 -8.98 15.16
CA LYS D 133 20.78 -8.19 13.93
C LYS D 133 22.21 -7.88 13.56
N ILE D 134 22.61 -8.35 12.37
CA ILE D 134 24.01 -8.25 11.97
C ILE D 134 24.31 -6.90 11.36
N HIS D 135 23.38 -6.33 10.62
CA HIS D 135 23.58 -5.01 10.01
C HIS D 135 22.71 -4.01 10.76
N LEU D 136 23.31 -3.27 11.70
CA LEU D 136 22.59 -2.26 12.43
C LEU D 136 22.35 -1.02 11.58
N PHE D 137 21.21 -0.37 11.81
CA PHE D 137 20.81 0.80 11.04
C PHE D 137 20.86 2.08 11.89
N TYR D 138 21.60 3.06 11.41
CA TYR D 138 21.57 4.45 11.93
C TYR D 138 21.80 4.44 13.44
N ARG D 139 20.91 5.04 14.24
CA ARG D 139 21.12 5.19 15.67
C ARG D 139 21.09 3.87 16.42
N GLU D 140 20.72 2.76 15.77
CA GLU D 140 20.83 1.48 16.44
C GLU D 140 22.24 1.24 16.93
N LYS D 141 23.23 1.79 16.21
CA LYS D 141 24.61 1.58 16.54
C LYS D 141 24.99 2.30 17.83
N VAL D 142 24.14 3.22 18.28
CA VAL D 142 24.36 3.92 19.56
C VAL D 142 23.97 3.04 20.74
N PHE D 143 22.98 2.18 20.55
CA PHE D 143 22.39 1.39 21.63
C PHE D 143 22.80 -0.07 21.62
N PHE D 144 22.93 -0.66 20.44
CA PHE D 144 23.05 -2.11 20.30
C PHE D 144 24.44 -2.49 19.83
N GLU D 145 24.92 -3.64 20.30
CA GLU D 145 26.08 -4.24 19.67
C GLU D 145 25.69 -4.83 18.31
N PRO D 146 26.62 -4.90 17.38
CA PRO D 146 26.35 -5.61 16.13
C PRO D 146 26.15 -7.09 16.41
N GLY D 147 25.22 -7.71 15.69
CA GLY D 147 24.97 -9.12 15.93
C GLY D 147 26.21 -9.97 15.71
N ASP D 148 26.32 -11.05 16.48
CA ASP D 148 27.51 -11.87 16.44
C ASP D 148 27.22 -13.37 16.38
N LEU D 149 25.98 -13.77 16.12
CA LEU D 149 25.65 -15.18 15.95
C LEU D 149 25.67 -15.63 14.50
N GLY D 150 25.87 -14.71 13.56
CA GLY D 150 25.70 -15.06 12.17
C GLY D 150 24.24 -15.25 11.83
N PHE D 151 24.01 -15.71 10.61
CA PHE D 151 22.66 -15.95 10.12
C PHE D 151 22.28 -17.40 10.39
N LYS D 152 21.26 -17.60 11.22
CA LYS D 152 20.89 -18.92 11.68
C LYS D 152 19.58 -19.39 11.05
N VAL D 153 19.50 -20.69 10.82
CA VAL D 153 18.27 -21.34 10.36
C VAL D 153 17.78 -22.27 11.47
N PHE D 154 16.47 -22.27 11.70
CA PHE D 154 15.86 -23.02 12.78
C PHE D 154 14.86 -24.03 12.23
N ASP D 155 14.81 -25.20 12.87
CA ASP D 155 13.93 -26.27 12.45
C ASP D 155 12.61 -26.13 13.20
N ILE D 156 11.54 -25.77 12.49
CA ILE D 156 10.24 -25.68 13.14
C ILE D 156 9.36 -26.82 12.63
N GLY D 157 9.98 -27.97 12.39
CA GLY D 157 9.25 -29.19 12.08
C GLY D 157 8.76 -29.28 10.65
N PHE D 158 7.81 -28.44 10.28
CA PHE D 158 7.32 -28.49 8.92
C PHE D 158 8.18 -27.68 7.96
N ALA D 159 9.08 -26.85 8.44
CA ALA D 159 9.93 -26.07 7.55
C ALA D 159 11.22 -25.74 8.27
N LYS D 160 12.19 -25.27 7.51
CA LYS D 160 13.37 -24.57 8.03
C LYS D 160 13.15 -23.08 7.86
N VAL D 161 13.26 -22.32 8.95
CA VAL D 161 13.02 -20.88 8.91
C VAL D 161 14.34 -20.16 9.18
N GLY D 162 14.69 -19.24 8.31
CA GLY D 162 15.79 -18.35 8.56
C GLY D 162 15.24 -17.06 9.12
N VAL D 163 16.09 -16.31 9.82
CA VAL D 163 15.67 -15.07 10.46
C VAL D 163 16.66 -13.99 10.10
N MET D 164 16.13 -12.87 9.61
CA MET D 164 16.92 -11.66 9.50
C MET D 164 16.02 -10.51 9.92
N ILE D 165 16.63 -9.36 10.18
CA ILE D 165 15.91 -8.26 10.83
C ILE D 165 16.09 -7.00 10.00
N ALA D 166 14.97 -6.42 9.58
CA ALA D 166 14.91 -5.11 8.94
C ALA D 166 16.05 -4.90 7.95
N PHE D 167 16.97 -3.98 8.30
CA PHE D 167 18.06 -3.55 7.43
C PHE D 167 18.85 -4.70 6.83
N ASP D 168 18.83 -5.89 7.45
CA ASP D 168 19.49 -7.03 6.85
C ASP D 168 19.03 -7.24 5.40
N TRP D 169 17.80 -6.83 5.06
CA TRP D 169 17.31 -7.05 3.69
C TRP D 169 18.15 -6.30 2.67
N PHE D 170 18.71 -5.17 3.07
CA PHE D 170 19.42 -4.32 2.13
C PHE D 170 20.64 -5.02 1.56
N PHE D 171 21.25 -5.92 2.33
CA PHE D 171 22.40 -6.67 1.89
C PHE D 171 21.92 -8.00 1.33
N PRO D 172 22.05 -8.25 0.02
CA PRO D 172 21.54 -9.53 -0.51
C PRO D 172 22.18 -10.73 0.15
N GLU D 173 23.38 -10.57 0.70
CA GLU D 173 24.06 -11.67 1.35
C GLU D 173 23.30 -12.22 2.56
N SER D 174 22.45 -11.41 3.19
CA SER D 174 21.71 -11.90 4.36
C SER D 174 20.76 -13.02 3.96
N ALA D 175 19.80 -12.71 3.08
CA ALA D 175 18.87 -13.72 2.62
C ALA D 175 19.59 -14.85 1.92
N ARG D 176 20.66 -14.53 1.20
CA ARG D 176 21.40 -15.57 0.48
C ARG D 176 22.02 -16.57 1.43
N THR D 177 22.67 -16.08 2.49
CA THR D 177 23.30 -16.96 3.46
C THR D 177 22.26 -17.84 4.13
N LEU D 178 21.16 -17.25 4.59
CA LEU D 178 20.06 -18.02 5.15
C LEU D 178 19.60 -19.09 4.18
N ALA D 179 19.37 -18.71 2.93
CA ALA D 179 18.88 -19.66 1.93
C ALA D 179 19.89 -20.80 1.71
N LEU D 180 21.17 -20.45 1.63
CA LEU D 180 22.22 -21.44 1.42
C LEU D 180 22.34 -22.39 2.62
N LYS D 181 22.04 -21.91 3.83
CA LYS D 181 22.02 -22.76 5.01
C LYS D 181 20.75 -23.61 5.12
N GLY D 182 19.83 -23.52 4.16
CA GLY D 182 18.67 -24.38 4.14
C GLY D 182 17.35 -23.70 4.44
N ALA D 183 17.35 -22.39 4.70
CA ALA D 183 16.11 -21.69 5.00
C ALA D 183 15.13 -21.82 3.84
N GLU D 184 13.91 -22.23 4.15
CA GLU D 184 12.83 -22.29 3.17
C GLU D 184 11.87 -21.13 3.32
N ILE D 185 11.77 -20.58 4.52
CA ILE D 185 11.05 -19.37 4.81
C ILE D 185 12.05 -18.45 5.49
N ILE D 186 12.04 -17.18 5.11
CA ILE D 186 12.82 -16.18 5.82
C ILE D 186 11.84 -15.33 6.61
N ALA D 187 11.89 -15.47 7.93
CA ALA D 187 11.10 -14.62 8.82
C ALA D 187 11.86 -13.32 9.05
N HIS D 188 11.17 -12.21 8.85
CA HIS D 188 11.83 -10.92 8.70
C HIS D 188 11.14 -9.84 9.54
N PRO D 189 11.34 -9.85 10.87
CA PRO D 189 10.89 -8.72 11.68
C PRO D 189 11.53 -7.42 11.21
N ALA D 190 10.74 -6.36 11.14
CA ALA D 190 11.29 -5.11 10.63
C ALA D 190 10.56 -3.90 11.21
N ASN D 191 11.28 -2.78 11.28
CA ASN D 191 10.77 -1.44 11.58
C ASN D 191 11.25 -0.54 10.45
N LEU D 192 10.60 -0.66 9.29
CA LEU D 192 11.07 0.00 8.08
C LEU D 192 10.75 1.49 8.07
N VAL D 193 11.74 2.29 7.67
CA VAL D 193 11.60 3.72 7.53
C VAL D 193 11.88 4.11 6.08
N MET D 194 12.71 3.32 5.39
CA MET D 194 12.99 3.58 4.00
C MET D 194 11.84 3.06 3.14
N PRO D 195 11.69 3.55 1.91
CA PRO D 195 10.56 3.12 1.06
C PRO D 195 10.75 1.82 0.31
N TYR D 196 11.94 1.21 0.37
CA TYR D 196 12.39 0.26 -0.65
C TYR D 196 12.04 -1.21 -0.38
N ALA D 197 11.98 -1.63 0.88
CA ALA D 197 11.89 -3.07 1.15
C ALA D 197 10.68 -3.74 0.50
N PRO D 198 9.48 -3.14 0.47
CA PRO D 198 8.38 -3.82 -0.20
C PRO D 198 8.65 -4.15 -1.66
N ARG D 199 9.48 -3.36 -2.35
CA ARG D 199 9.85 -3.68 -3.73
C ARG D 199 10.99 -4.69 -3.79
N ALA D 200 11.83 -4.73 -2.77
CA ALA D 200 12.98 -5.63 -2.79
C ALA D 200 12.66 -7.02 -2.29
N MET D 201 11.77 -7.14 -1.31
CA MET D 201 11.54 -8.45 -0.72
C MET D 201 11.11 -9.48 -1.76
N PRO D 202 10.27 -9.16 -2.76
CA PRO D 202 9.93 -10.19 -3.76
C PRO D 202 11.13 -10.66 -4.54
N ILE D 203 12.13 -9.79 -4.71
CA ILE D 203 13.35 -10.17 -5.40
C ILE D 203 14.21 -11.04 -4.52
N ARG D 204 14.25 -10.74 -3.21
CA ARG D 204 14.97 -11.59 -2.26
C ARG D 204 14.38 -12.99 -2.25
N ALA D 205 13.05 -13.07 -2.28
CA ALA D 205 12.36 -14.35 -2.33
C ALA D 205 12.68 -15.09 -3.62
N LEU D 206 12.57 -14.39 -4.75
CA LEU D 206 12.82 -15.00 -6.06
C LEU D 206 14.26 -15.46 -6.20
N GLU D 207 15.23 -14.58 -5.90
CA GLU D 207 16.62 -14.93 -6.19
C GLU D 207 17.13 -16.08 -5.33
N ASN D 208 16.46 -16.37 -4.22
CA ASN D 208 16.80 -17.51 -3.38
C ASN D 208 15.81 -18.65 -3.47
N ARG D 209 14.69 -18.44 -4.15
CA ARG D 209 13.57 -19.37 -4.16
C ARG D 209 13.16 -19.76 -2.76
N VAL D 210 12.80 -18.74 -1.97
CA VAL D 210 12.27 -18.93 -0.63
C VAL D 210 11.01 -18.09 -0.51
N TYR D 211 10.27 -18.35 0.56
CA TYR D 211 9.20 -17.45 0.99
C TYR D 211 9.80 -16.45 1.97
N THR D 212 9.34 -15.21 1.90
CA THR D 212 9.76 -14.21 2.88
C THR D 212 8.53 -13.67 3.57
N ILE D 213 8.65 -13.44 4.86
CA ILE D 213 7.57 -12.90 5.67
C ILE D 213 8.15 -11.68 6.36
N THR D 214 7.85 -10.49 5.83
CA THR D 214 8.32 -9.26 6.44
C THR D 214 7.19 -8.73 7.31
N ALA D 215 7.41 -8.70 8.63
CA ALA D 215 6.42 -8.19 9.55
C ALA D 215 6.93 -6.81 9.94
N ASP D 216 6.31 -5.77 9.40
CA ASP D 216 6.68 -4.41 9.72
C ASP D 216 5.76 -3.84 10.79
N ARG D 217 6.28 -2.84 11.50
CA ARG D 217 5.43 -2.03 12.36
C ARG D 217 4.84 -0.85 11.59
N VAL D 218 3.92 -0.16 12.25
CA VAL D 218 3.34 1.06 11.70
C VAL D 218 3.53 2.19 12.70
N GLY D 219 3.09 3.37 12.32
CA GLY D 219 3.03 4.50 13.23
C GLY D 219 4.22 5.43 13.08
N GLU D 220 4.07 6.58 13.71
CA GLU D 220 5.11 7.57 13.85
C GLU D 220 5.51 7.59 15.32
N GLU D 221 6.79 7.37 15.59
CA GLU D 221 7.29 7.23 16.96
C GLU D 221 8.36 8.28 17.20
N ARG D 222 8.03 9.29 18.02
CA ARG D 222 8.92 10.42 18.29
C ARG D 222 9.45 11.02 17.00
N GLY D 223 8.54 11.19 16.03
CA GLY D 223 8.88 11.82 14.78
C GLY D 223 9.30 10.88 13.67
N LEU D 224 9.59 9.62 13.98
CA LEU D 224 10.08 8.67 12.99
C LEU D 224 8.89 7.91 12.41
N LYS D 225 8.66 8.04 11.12
CA LYS D 225 7.52 7.39 10.49
C LYS D 225 7.93 6.04 9.91
N PHE D 226 7.28 4.98 10.37
CA PHE D 226 7.45 3.67 9.77
C PHE D 226 6.45 3.49 8.63
N ILE D 227 6.79 2.58 7.71
CA ILE D 227 6.07 2.52 6.44
C ILE D 227 5.03 1.41 6.36
N GLY D 228 4.90 0.57 7.39
CA GLY D 228 3.96 -0.53 7.28
C GLY D 228 4.34 -1.45 6.14
N LYS D 229 3.33 -1.83 5.35
CA LYS D 229 3.55 -2.64 4.16
C LYS D 229 4.27 -3.95 4.48
N SER D 230 3.92 -4.56 5.62
CA SER D 230 4.28 -5.96 5.82
C SER D 230 3.92 -6.73 4.58
N LEU D 231 4.71 -7.75 4.25
CA LEU D 231 4.32 -8.50 3.07
C LEU D 231 4.92 -9.91 3.10
N ILE D 232 4.25 -10.81 2.38
CA ILE D 232 4.72 -12.18 2.22
C ILE D 232 4.98 -12.36 0.74
N ALA D 233 6.19 -12.79 0.39
CA ALA D 233 6.56 -12.98 -1.01
C ALA D 233 6.90 -14.44 -1.23
N SER D 234 6.58 -14.91 -2.44
CA SER D 234 6.77 -16.27 -2.89
C SER D 234 8.10 -16.43 -3.63
N PRO D 235 8.59 -17.66 -3.77
CA PRO D 235 9.78 -17.92 -4.60
C PRO D 235 9.63 -17.47 -6.04
N LYS D 236 8.43 -17.17 -6.52
CA LYS D 236 8.22 -16.60 -7.85
C LYS D 236 8.00 -15.10 -7.79
N ALA D 237 8.44 -14.45 -6.71
CA ALA D 237 8.37 -13.00 -6.55
C ALA D 237 6.94 -12.49 -6.55
N GLU D 238 5.98 -13.34 -6.19
CA GLU D 238 4.58 -12.93 -6.09
C GLU D 238 4.30 -12.37 -4.71
N VAL D 239 3.64 -11.21 -4.66
CA VAL D 239 3.24 -10.61 -3.39
C VAL D 239 1.95 -11.30 -2.96
N LEU D 240 2.07 -12.26 -2.05
CA LEU D 240 0.92 -13.06 -1.68
C LEU D 240 0.02 -12.33 -0.69
N SER D 241 0.59 -11.40 0.07
CA SER D 241 -0.18 -10.58 1.00
C SER D 241 0.68 -9.36 1.30
N ILE D 242 0.04 -8.20 1.35
CA ILE D 242 0.73 -6.96 1.68
C ILE D 242 -0.23 -6.11 2.49
N ALA D 243 0.30 -5.48 3.53
CA ALA D 243 -0.48 -4.73 4.50
C ALA D 243 -0.48 -3.24 4.16
N SER D 244 -1.39 -2.53 4.82
CA SER D 244 -1.49 -1.08 4.71
C SER D 244 -0.22 -0.40 5.20
N GLU D 245 -0.16 0.89 4.93
CA GLU D 245 0.97 1.68 5.42
C GLU D 245 0.86 2.01 6.90
N THR D 246 -0.36 2.17 7.44
CA THR D 246 -0.53 2.74 8.77
C THR D 246 -1.35 1.90 9.75
N GLU D 247 -2.04 0.85 9.31
CA GLU D 247 -3.00 0.21 10.19
C GLU D 247 -2.45 -1.09 10.77
N GLU D 248 -2.81 -1.38 12.01
CA GLU D 248 -2.46 -2.66 12.59
C GLU D 248 -3.31 -3.75 11.94
N GLU D 249 -2.69 -4.85 11.54
CA GLU D 249 -3.43 -5.90 10.85
C GLU D 249 -2.57 -7.14 10.79
N ILE D 250 -3.19 -8.23 10.37
CA ILE D 250 -2.51 -9.50 10.20
C ILE D 250 -2.63 -9.87 8.73
N GLY D 251 -1.77 -10.79 8.31
CA GLY D 251 -1.77 -11.27 6.94
C GLY D 251 -1.35 -12.72 6.94
N VAL D 252 -2.28 -13.63 6.66
CA VAL D 252 -2.01 -15.07 6.71
C VAL D 252 -2.30 -15.65 5.33
N VAL D 253 -1.35 -16.41 4.79
CA VAL D 253 -1.55 -17.08 3.52
C VAL D 253 -0.97 -18.48 3.61
N GLU D 254 -1.53 -19.38 2.79
CA GLU D 254 -1.00 -20.72 2.69
C GLU D 254 0.15 -20.73 1.70
N ILE D 255 1.26 -21.35 2.08
CA ILE D 255 2.40 -21.41 1.20
C ILE D 255 2.74 -22.86 0.92
N ASP D 256 3.44 -23.06 -0.18
CA ASP D 256 3.81 -24.41 -0.66
C ASP D 256 5.31 -24.54 -0.55
N LEU D 257 5.76 -25.21 0.51
CA LEU D 257 7.19 -25.32 0.78
C LEU D 257 7.94 -26.06 -0.32
N ASN D 258 7.24 -26.86 -1.13
CA ASN D 258 7.91 -27.54 -2.24
C ASN D 258 8.44 -26.54 -3.25
N LEU D 259 7.77 -25.39 -3.39
CA LEU D 259 8.26 -24.32 -4.25
C LEU D 259 9.56 -23.72 -3.73
N ALA D 260 9.76 -23.72 -2.41
CA ALA D 260 11.02 -23.26 -1.86
C ALA D 260 12.09 -24.34 -1.91
N ARG D 261 11.70 -25.61 -1.76
CA ARG D 261 12.67 -26.71 -1.78
C ARG D 261 13.20 -27.01 -3.16
N ASN D 262 12.47 -26.66 -4.21
CA ASN D 262 12.93 -26.94 -5.57
C ASN D 262 13.68 -25.72 -6.08
N LYS D 263 15.01 -25.84 -6.12
CA LYS D 263 15.90 -24.78 -6.61
C LYS D 263 16.15 -24.85 -8.10
N ARG D 264 15.48 -25.76 -8.81
CA ARG D 264 15.74 -25.99 -10.22
C ARG D 264 14.79 -25.12 -11.06
N LEU D 265 15.35 -24.13 -11.76
CA LEU D 265 14.55 -23.33 -12.69
C LEU D 265 14.15 -24.12 -13.93
N ASN D 266 14.97 -25.08 -14.34
CA ASN D 266 14.76 -25.88 -15.54
C ASN D 266 15.77 -27.02 -15.50
N ASP D 267 15.65 -27.92 -16.48
CA ASP D 267 16.47 -29.12 -16.54
C ASP D 267 17.97 -28.85 -16.48
N MET D 268 18.42 -27.61 -16.69
CA MET D 268 19.82 -27.30 -16.75
C MET D 268 20.24 -26.18 -15.81
N ASN D 269 19.32 -25.61 -15.04
CA ASN D 269 19.61 -24.49 -14.15
C ASN D 269 19.06 -24.79 -12.77
N ASP D 270 19.93 -25.13 -11.83
CA ASP D 270 19.61 -25.15 -10.41
C ASP D 270 20.30 -23.95 -9.78
N ILE D 271 19.50 -23.02 -9.25
CA ILE D 271 20.05 -21.72 -8.88
C ILE D 271 21.18 -21.87 -7.89
N PHE D 272 21.12 -22.86 -7.00
CA PHE D 272 22.21 -23.03 -6.05
C PHE D 272 23.41 -23.77 -6.68
N LYS D 273 23.15 -24.80 -7.51
CA LYS D 273 24.27 -25.47 -8.15
C LYS D 273 24.96 -24.57 -9.18
N ASP D 274 24.21 -23.63 -9.77
CA ASP D 274 24.75 -22.69 -10.75
C ASP D 274 25.59 -21.58 -10.13
N ARG D 275 25.64 -21.47 -8.80
CA ARG D 275 26.49 -20.46 -8.17
C ARG D 275 27.96 -20.81 -8.37
N ARG D 276 28.78 -19.76 -8.54
CA ARG D 276 30.20 -19.93 -8.86
C ARG D 276 30.99 -19.00 -7.95
N GLU D 277 31.11 -19.40 -6.68
CA GLU D 277 31.76 -18.57 -5.67
C GLU D 277 33.19 -18.19 -6.05
N GLU D 278 33.82 -18.92 -6.98
CA GLU D 278 35.18 -18.57 -7.36
C GLU D 278 35.26 -17.20 -8.03
N TYR D 279 34.17 -16.72 -8.62
CA TYR D 279 34.16 -15.40 -9.25
C TYR D 279 33.40 -14.35 -8.46
N TYR D 280 33.01 -14.68 -7.25
CA TYR D 280 32.30 -13.72 -6.45
C TYR D 280 33.18 -13.12 -5.45
N PHE D 281 33.06 -11.82 -5.30
CA PHE D 281 33.80 -11.01 -4.35
C PHE D 281 35.32 -11.02 -4.52
N ARG D 282 35.76 -11.20 -5.74
CA ARG D 282 37.16 -11.28 -6.05
C ARG D 282 37.33 -11.08 -7.54
#